data_8IRJ
#
_entry.id   8IRJ
#
_cell.length_a   1.00
_cell.length_b   1.00
_cell.length_c   1.00
_cell.angle_alpha   90.00
_cell.angle_beta   90.00
_cell.angle_gamma   90.00
#
_symmetry.space_group_name_H-M   'P 1'
#
_entity_poly.entity_id   1
_entity_poly.type   'polypeptide(L)'
_entity_poly.pdbx_seq_one_letter_code
;MGTRGAVMPPPMWGLLGCCFVCAWALGGPRPIRSLPPLSSQVKPGSVPMQVPLEGAEAALAYLYSGDAQQLSQVNCSERY
EARGAGAMPGLPPSLQGAAGTLAQAANFLNMLLQANDIRESSVEEDVEWYQALVRSVAEGDPRVYRALLTFNPPPGASHL
QLALQATRTGEETILQDLSGNWVQEENPPGDLDTPALKKRVLTNDLGSLGSPKWPQADGYVGDTQQVRLSPPFLECQEGR
LRPGWLITLSATFYGLKPDLSPEVRGQVQMDVDLQSVDINQCASGPGWYSNTHLCDLNSTQCVPLESQGFVLGRYLCRCR
PGFYGASPSGGLEESDFQTTGQFGFPEGRSGRLLQCLPCPEGCTSCMDATPCLVEEAAVLRAAVLACQACCMLAIFLSML
VSYRCRRNKRIWASGVVLLETVLFGFLLLYFPVFILYFKPSVFRCIALRWVRLLGFAIVYGTIILKLYRVLQLFLSRTAQ
RSALLSSGRLLRRLGLLLLPVLGFLAVWTVGALERGIQHAPLVIRGHTPSGRHFYLCHHDRWDYIMVVAELLLLCWGSFL
CYATRAVLSAFHEPRYMGIALHNELLLSAAFHTARFVLVPSLHPDWTLLLFFFHTHSTVTTTLALIFIPKFWKLGAPPRE
EMVDEVCEDELDLQHSGSYLGSSIASAWSEHSLDPGDIRDELKKLYAQLEVHKTKEMAANNPHLPKKRGSSCQGLGRSFM
RYLAEFPEALARQHSFESRASTVPRARDPPVATLEVLFQ
;
_entity_poly.pdbx_strand_id   A,B
#
# COMPACT_ATOMS: atom_id res chain seq x y z
N GLY A 55 3.42 -24.79 47.12
CA GLY A 55 2.22 -24.26 46.50
C GLY A 55 2.39 -23.99 45.02
N ALA A 56 1.54 -24.60 44.20
CA ALA A 56 1.57 -24.45 42.76
C ALA A 56 0.68 -23.32 42.27
N GLU A 57 0.06 -22.57 43.18
CA GLU A 57 -0.80 -21.46 42.82
C GLU A 57 -0.07 -20.12 42.88
N ALA A 58 0.57 -19.82 44.01
CA ALA A 58 1.34 -18.59 44.12
C ALA A 58 2.52 -18.60 43.16
N ALA A 59 3.11 -19.78 42.94
CA ALA A 59 4.19 -19.89 41.97
C ALA A 59 3.71 -19.57 40.57
N LEU A 60 2.52 -20.04 40.20
CA LEU A 60 1.97 -19.70 38.90
C LEU A 60 1.62 -18.23 38.81
N ALA A 61 1.20 -17.62 39.92
CA ALA A 61 0.99 -16.18 39.95
C ALA A 61 2.29 -15.42 39.81
N TYR A 62 3.41 -16.01 40.22
CA TYR A 62 4.71 -15.40 40.02
C TYR A 62 5.12 -15.36 38.56
N LEU A 63 4.55 -16.24 37.73
CA LEU A 63 4.87 -16.27 36.32
C LEU A 63 4.19 -15.17 35.53
N TYR A 64 3.24 -14.44 36.14
CA TYR A 64 2.56 -13.34 35.47
C TYR A 64 2.85 -11.99 36.09
N SER A 65 3.44 -11.96 37.29
CA SER A 65 3.85 -10.71 37.93
C SER A 65 5.26 -10.88 38.48
N GLY A 66 6.03 -9.81 38.43
CA GLY A 66 7.42 -9.88 38.86
C GLY A 66 7.66 -9.74 40.34
N ASP A 67 6.61 -9.58 41.14
CA ASP A 67 6.79 -9.38 42.57
C ASP A 67 7.31 -10.65 43.25
N ALA A 68 8.28 -10.47 44.14
CA ALA A 68 8.85 -11.58 44.89
C ALA A 68 8.24 -11.76 46.27
N GLN A 69 7.63 -10.71 46.83
CA GLN A 69 7.00 -10.83 48.14
C GLN A 69 5.77 -11.72 48.08
N GLN A 70 5.15 -11.84 46.90
CA GLN A 70 4.05 -12.77 46.73
C GLN A 70 4.49 -14.22 46.80
N LEU A 71 5.78 -14.49 46.59
CA LEU A 71 6.32 -15.84 46.71
C LEU A 71 6.60 -16.23 48.16
N SER A 72 6.47 -15.30 49.11
CA SER A 72 6.69 -15.65 50.51
C SER A 72 5.48 -16.40 51.06
N GLN A 73 5.57 -16.76 52.34
CA GLN A 73 4.49 -17.44 53.05
C GLN A 73 4.17 -18.82 52.48
N VAL A 74 5.11 -19.44 51.79
CA VAL A 74 4.91 -20.76 51.20
C VAL A 74 6.08 -21.65 51.59
N ASN A 75 5.77 -22.90 51.94
CA ASN A 75 6.78 -23.88 52.31
C ASN A 75 7.11 -24.77 51.11
N CYS A 76 8.22 -25.50 51.23
CA CYS A 76 8.69 -26.35 50.15
C CYS A 76 9.01 -27.75 50.65
N SER A 77 8.81 -28.72 49.76
CA SER A 77 9.35 -30.06 49.90
C SER A 77 9.98 -30.56 48.62
N GLU A 78 9.87 -29.79 47.53
CA GLU A 78 10.36 -30.19 46.22
C GLU A 78 10.41 -28.95 45.33
N ARG A 79 11.30 -28.97 44.35
CA ARG A 79 11.36 -27.87 43.40
C ARG A 79 10.09 -27.84 42.55
N TYR A 80 9.72 -26.63 42.12
CA TYR A 80 8.59 -26.40 41.23
C TYR A 80 9.15 -26.01 39.86
N GLU A 81 9.02 -26.90 38.89
CA GLU A 81 9.48 -26.64 37.54
C GLU A 81 8.37 -26.02 36.71
N ALA A 82 8.75 -25.08 35.85
CA ALA A 82 7.79 -24.47 34.95
C ALA A 82 7.24 -25.50 33.97
N ARG A 83 6.04 -25.23 33.47
CA ARG A 83 5.30 -26.22 32.68
C ARG A 83 4.40 -25.45 31.72
N GLY A 84 4.79 -25.40 30.45
CA GLY A 84 4.06 -24.67 29.45
C GLY A 84 4.26 -25.26 28.06
N ALA A 85 3.81 -24.53 27.04
CA ALA A 85 3.93 -25.01 25.67
C ALA A 85 5.40 -25.12 25.26
N GLY A 86 6.21 -24.12 25.62
CA GLY A 86 7.60 -24.04 25.21
C GLY A 86 8.56 -24.08 26.38
N ALA A 87 8.31 -24.98 27.32
CA ALA A 87 9.21 -25.13 28.47
C ALA A 87 10.61 -25.54 28.05
N MET A 88 10.74 -26.28 26.94
CA MET A 88 12.02 -26.79 26.44
C MET A 88 12.19 -26.36 24.99
N PRO A 89 12.73 -25.15 24.73
CA PRO A 89 12.74 -24.63 23.35
C PRO A 89 13.92 -25.07 22.50
N GLY A 90 15.07 -25.30 23.14
CA GLY A 90 16.33 -25.46 22.44
C GLY A 90 17.42 -24.62 23.09
N LEU A 91 18.49 -24.32 22.33
CA LEU A 91 19.63 -23.58 22.86
C LEU A 91 19.67 -22.18 22.26
N PRO A 92 19.30 -21.13 22.99
CA PRO A 92 19.43 -19.77 22.44
C PRO A 92 20.88 -19.32 22.44
N PRO A 93 21.17 -18.16 21.80
CA PRO A 93 22.58 -17.81 21.52
C PRO A 93 23.47 -17.59 22.75
N SER A 94 22.97 -16.87 23.75
CA SER A 94 23.78 -16.63 24.95
C SER A 94 24.08 -17.95 25.65
N LEU A 95 23.11 -18.86 25.63
CA LEU A 95 23.36 -20.19 26.16
C LEU A 95 24.31 -20.99 25.28
N GLN A 96 24.42 -20.67 23.98
CA GLN A 96 25.50 -21.26 23.20
C GLN A 96 26.85 -20.78 23.69
N GLY A 97 26.94 -19.49 24.01
CA GLY A 97 28.18 -18.98 24.57
C GLY A 97 28.56 -19.65 25.88
N ALA A 98 27.57 -19.93 26.72
CA ALA A 98 27.85 -20.63 27.98
C ALA A 98 28.18 -22.10 27.77
N ALA A 99 27.47 -22.74 26.85
CA ALA A 99 27.73 -24.14 26.54
C ALA A 99 29.12 -24.34 25.96
N GLY A 100 29.64 -23.34 25.25
CA GLY A 100 31.03 -23.40 24.81
C GLY A 100 31.99 -23.51 25.98
N THR A 101 31.74 -22.76 27.04
CA THR A 101 32.53 -22.88 28.25
C THR A 101 32.38 -24.27 28.87
N LEU A 102 31.16 -24.77 28.92
CA LEU A 102 30.92 -26.03 29.62
C LEU A 102 31.51 -27.23 28.88
N ALA A 103 31.53 -27.20 27.55
CA ALA A 103 32.01 -28.35 26.78
C ALA A 103 33.51 -28.52 26.88
N GLN A 104 34.25 -27.41 26.99
CA GLN A 104 35.70 -27.46 27.02
C GLN A 104 36.22 -28.25 28.21
N ALA A 105 35.59 -28.06 29.38
CA ALA A 105 36.03 -28.76 30.57
C ALA A 105 35.87 -30.26 30.42
N ALA A 106 34.73 -30.68 29.88
CA ALA A 106 34.49 -32.10 29.65
C ALA A 106 35.48 -32.67 28.65
N ASN A 107 35.77 -31.94 27.58
CA ASN A 107 36.71 -32.44 26.59
C ASN A 107 38.12 -32.56 27.16
N PHE A 108 38.54 -31.57 27.95
CA PHE A 108 39.84 -31.64 28.61
C PHE A 108 39.90 -32.84 29.54
N LEU A 109 38.84 -33.07 30.31
CA LEU A 109 38.83 -34.18 31.24
C LEU A 109 38.87 -35.52 30.53
N ASN A 110 38.09 -35.68 29.45
CA ASN A 110 38.08 -36.98 28.79
C ASN A 110 39.38 -37.24 28.03
N MET A 111 39.98 -36.21 27.44
CA MET A 111 41.30 -36.40 26.83
C MET A 111 42.32 -36.82 27.87
N LEU A 112 42.33 -36.15 29.02
CA LEU A 112 43.28 -36.50 30.07
C LEU A 112 43.07 -37.93 30.57
N LEU A 113 41.81 -38.32 30.78
CA LEU A 113 41.54 -39.63 31.36
C LEU A 113 41.71 -40.75 30.34
N GLN A 114 41.43 -40.49 29.06
CA GLN A 114 41.66 -41.50 28.03
C GLN A 114 43.16 -41.70 27.79
N ALA A 115 43.93 -40.62 27.83
CA ALA A 115 45.36 -40.74 27.54
C ALA A 115 46.08 -41.61 28.56
N ASN A 116 45.74 -41.46 29.83
CA ASN A 116 46.38 -42.18 30.93
C ASN A 116 45.31 -42.74 31.86
N ASP A 117 45.51 -43.99 32.29
CA ASP A 117 44.56 -44.69 33.12
C ASP A 117 44.80 -44.50 34.62
N ILE A 118 45.93 -43.91 35.01
CA ILE A 118 46.20 -43.67 36.43
C ILE A 118 45.51 -42.42 36.93
N ARG A 119 45.26 -41.46 36.03
CA ARG A 119 44.65 -40.15 36.37
C ARG A 119 43.36 -40.33 37.14
N GLU A 120 42.50 -41.28 36.71
CA GLU A 120 41.20 -41.57 37.37
C GLU A 120 41.48 -41.91 38.83
N SER A 121 42.55 -42.66 39.12
CA SER A 121 43.01 -42.83 40.48
C SER A 121 43.84 -41.63 40.91
N SER A 122 44.12 -41.55 42.21
CA SER A 122 44.93 -40.46 42.76
C SER A 122 44.30 -39.09 42.54
N VAL A 123 42.97 -39.05 42.49
CA VAL A 123 42.26 -37.78 42.38
C VAL A 123 42.43 -36.94 43.65
N GLU A 124 42.76 -37.56 44.79
CA GLU A 124 42.80 -36.87 46.09
C GLU A 124 43.92 -35.83 46.10
N GLU A 125 45.11 -36.21 45.63
CA GLU A 125 46.24 -35.30 45.60
C GLU A 125 46.23 -34.36 44.39
N ASP A 126 45.40 -34.63 43.39
CA ASP A 126 45.27 -33.78 42.21
C ASP A 126 44.17 -32.74 42.36
N VAL A 127 43.73 -32.45 43.59
CA VAL A 127 42.55 -31.62 43.80
C VAL A 127 42.76 -30.17 43.35
N GLU A 128 44.00 -29.71 43.29
CA GLU A 128 44.26 -28.31 42.90
C GLU A 128 43.74 -28.03 41.49
N TRP A 129 43.98 -28.95 40.58
CA TRP A 129 43.59 -28.76 39.19
C TRP A 129 42.08 -28.70 39.05
N TYR A 130 41.37 -29.57 39.78
CA TYR A 130 39.92 -29.61 39.68
C TYR A 130 39.28 -28.42 40.39
N GLN A 131 39.90 -27.95 41.47
CA GLN A 131 39.44 -26.70 42.10
C GLN A 131 39.54 -25.54 41.12
N ALA A 132 40.67 -25.42 40.43
CA ALA A 132 40.83 -24.38 39.43
C ALA A 132 39.83 -24.55 38.29
N LEU A 133 39.52 -25.80 37.93
CA LEU A 133 38.57 -26.05 36.87
C LEU A 133 37.16 -25.59 37.23
N VAL A 134 36.70 -25.91 38.44
CA VAL A 134 35.36 -25.47 38.83
C VAL A 134 35.31 -23.96 38.99
N ARG A 135 36.40 -23.35 39.49
CA ARG A 135 36.43 -21.89 39.57
C ARG A 135 36.36 -21.27 38.19
N SER A 136 37.04 -21.86 37.21
CA SER A 136 36.99 -21.36 35.84
C SER A 136 35.60 -21.49 35.25
N VAL A 137 34.92 -22.62 35.52
CA VAL A 137 33.58 -22.81 34.99
C VAL A 137 32.62 -21.81 35.62
N ALA A 138 32.84 -21.48 36.90
CA ALA A 138 31.94 -20.54 37.58
C ALA A 138 32.06 -19.12 37.05
N GLU A 139 33.11 -18.79 36.30
CA GLU A 139 33.27 -17.49 35.68
C GLU A 139 32.80 -17.47 34.23
N GLY A 140 32.08 -18.51 33.79
CA GLY A 140 31.76 -18.63 32.37
C GLY A 140 30.80 -17.56 31.89
N ASP A 141 29.80 -17.23 32.69
CA ASP A 141 28.74 -16.28 32.36
C ASP A 141 28.53 -15.34 33.54
N PRO A 142 28.10 -14.09 33.31
CA PRO A 142 27.75 -13.24 34.45
C PRO A 142 26.46 -13.64 35.16
N ARG A 143 25.60 -14.44 34.52
CA ARG A 143 24.32 -14.85 35.08
C ARG A 143 24.37 -16.25 35.67
N VAL A 144 25.54 -16.64 36.18
CA VAL A 144 25.77 -17.99 36.70
C VAL A 144 25.67 -17.93 38.22
N TYR A 145 24.91 -18.86 38.79
CA TYR A 145 24.64 -18.91 40.22
C TYR A 145 25.49 -19.96 40.94
N ARG A 146 25.79 -21.08 40.30
CA ARG A 146 26.51 -22.16 40.96
C ARG A 146 27.17 -23.04 39.92
N ALA A 147 28.19 -23.77 40.36
CA ALA A 147 28.88 -24.76 39.54
C ALA A 147 29.20 -25.98 40.39
N LEU A 148 29.20 -27.14 39.74
CA LEU A 148 29.35 -28.42 40.42
C LEU A 148 30.10 -29.39 39.54
N LEU A 149 31.11 -30.05 40.12
CA LEU A 149 31.88 -31.10 39.45
C LEU A 149 31.83 -32.33 40.34
N THR A 150 31.40 -33.45 39.77
CA THR A 150 31.27 -34.70 40.50
C THR A 150 31.94 -35.88 39.82
N PHE A 151 32.53 -36.75 40.63
CA PHE A 151 33.20 -37.96 40.16
C PHE A 151 32.41 -39.18 40.61
N ASN A 152 32.08 -40.05 39.68
CA ASN A 152 31.38 -41.27 40.01
C ASN A 152 32.28 -42.16 40.87
N PRO A 153 31.71 -43.01 41.71
CA PRO A 153 32.53 -43.71 42.71
C PRO A 153 33.37 -44.79 42.06
N PRO A 154 34.23 -45.47 42.82
CA PRO A 154 34.95 -46.62 42.29
C PRO A 154 34.01 -47.79 42.06
N PRO A 155 34.51 -48.90 41.49
CA PRO A 155 33.65 -50.07 41.26
C PRO A 155 33.03 -50.61 42.54
N GLY A 156 31.71 -50.53 42.64
CA GLY A 156 31.00 -51.03 43.80
C GLY A 156 31.33 -50.26 45.08
N ALA A 157 31.02 -48.97 45.10
CA ALA A 157 31.27 -48.11 46.24
C ALA A 157 29.99 -47.36 46.59
N SER A 158 30.03 -46.64 47.72
CA SER A 158 28.88 -45.91 48.20
C SER A 158 29.13 -44.41 48.38
N HIS A 159 30.38 -43.96 48.26
CA HIS A 159 30.72 -42.55 48.42
C HIS A 159 31.31 -42.04 47.11
N LEU A 160 30.85 -40.88 46.65
CA LEU A 160 31.50 -40.21 45.54
C LEU A 160 32.93 -39.89 45.91
N GLN A 161 33.87 -40.23 45.02
CA GLN A 161 35.27 -40.00 45.31
C GLN A 161 35.61 -38.52 45.45
N LEU A 162 34.81 -37.64 44.85
CA LEU A 162 35.05 -36.22 45.00
C LEU A 162 33.87 -35.41 44.48
N ALA A 163 33.48 -34.38 45.23
CA ALA A 163 32.55 -33.37 44.77
C ALA A 163 33.14 -32.01 45.10
N LEU A 164 32.73 -31.00 44.34
CA LEU A 164 33.22 -29.64 44.54
C LEU A 164 32.20 -28.68 43.97
N GLN A 165 31.90 -27.62 44.70
CA GLN A 165 30.91 -26.64 44.29
C GLN A 165 31.47 -25.24 44.46
N ALA A 166 31.09 -24.35 43.54
CA ALA A 166 31.48 -22.95 43.61
C ALA A 166 30.23 -22.10 43.45
N THR A 167 30.02 -21.17 44.38
CA THR A 167 28.83 -20.33 44.40
C THR A 167 29.23 -18.88 44.13
N ARG A 168 28.46 -18.17 43.31
CA ARG A 168 28.79 -16.78 42.88
C ARG A 168 27.97 -15.81 43.70
N THR A 169 28.44 -15.49 44.90
CA THR A 169 27.79 -14.57 45.84
C THR A 169 28.47 -13.21 45.73
N GLY A 170 27.87 -12.33 44.94
CA GLY A 170 28.44 -11.01 44.74
C GLY A 170 29.78 -11.10 44.02
N GLU A 171 30.68 -10.18 44.37
CA GLU A 171 32.04 -10.20 43.83
C GLU A 171 32.93 -11.18 44.60
N GLU A 172 32.54 -12.46 44.61
CA GLU A 172 33.23 -13.48 45.36
C GLU A 172 32.85 -14.84 44.80
N THR A 173 33.67 -15.85 45.10
CA THR A 173 33.36 -17.23 44.76
C THR A 173 33.73 -18.11 45.95
N ILE A 174 32.85 -19.02 46.32
CA ILE A 174 33.02 -19.85 47.50
C ILE A 174 33.12 -21.31 47.06
N LEU A 175 34.17 -21.98 47.51
CA LEU A 175 34.40 -23.39 47.22
C LEU A 175 34.26 -24.21 48.50
N GLN A 176 33.37 -25.19 48.48
CA GLN A 176 33.18 -26.10 49.60
C GLN A 176 33.19 -27.53 49.08
N ASP A 177 33.62 -28.46 49.93
CA ASP A 177 33.83 -29.83 49.52
C ASP A 177 32.55 -30.49 49.04
N LEU A 178 31.57 -30.67 49.93
CA LEU A 178 30.27 -31.31 49.58
C LEU A 178 30.51 -32.76 49.15
N SER A 179 31.60 -33.37 49.61
CA SER A 179 31.91 -34.75 49.29
C SER A 179 31.92 -35.59 50.56
N GLY A 180 31.35 -36.79 50.48
CA GLY A 180 31.26 -37.65 51.64
C GLY A 180 29.97 -37.46 52.40
N ASN A 181 29.64 -36.21 52.71
CA ASN A 181 28.41 -35.89 53.44
C ASN A 181 27.30 -35.47 52.47
N TRP A 182 27.47 -35.86 51.21
CA TRP A 182 26.45 -35.67 50.19
C TRP A 182 26.42 -36.90 49.28
N VAL A 183 26.75 -38.06 49.84
CA VAL A 183 26.88 -39.27 49.04
C VAL A 183 25.52 -39.93 48.87
N GLN A 184 24.77 -39.47 47.87
CA GLN A 184 23.43 -39.97 47.59
C GLN A 184 23.30 -40.58 46.20
N GLU A 185 24.37 -40.59 45.41
CA GLU A 185 24.30 -41.10 44.05
C GLU A 185 25.69 -41.48 43.52
N THR A 194 27.09 -43.58 25.30
CA THR A 194 27.68 -42.95 24.13
C THR A 194 26.61 -42.27 23.27
N PRO A 195 26.43 -40.97 23.49
CA PRO A 195 25.41 -40.20 22.73
C PRO A 195 25.97 -39.66 21.42
N ALA A 196 26.25 -40.57 20.48
CA ALA A 196 26.85 -40.23 19.20
C ALA A 196 28.21 -39.54 19.40
N LEU A 197 28.99 -40.08 20.34
CA LEU A 197 30.29 -39.51 20.65
C LEU A 197 31.24 -39.68 19.46
N LYS A 198 31.90 -38.59 19.06
CA LYS A 198 32.80 -38.63 17.93
C LYS A 198 34.11 -39.32 18.32
N LYS A 199 34.86 -39.65 17.23
CA LYS A 199 36.17 -40.33 17.44
C LYS A 199 37.28 -39.53 16.80
N ARG A 200 38.43 -39.48 17.49
CA ARG A 200 39.59 -38.78 16.97
C ARG A 200 40.82 -39.65 17.13
N VAL A 201 41.78 -39.48 16.23
CA VAL A 201 43.03 -40.22 16.28
C VAL A 201 44.09 -39.31 16.91
N LEU A 202 44.70 -39.76 18.00
CA LEU A 202 45.66 -38.98 18.74
C LEU A 202 47.06 -39.40 18.33
N THR A 203 47.76 -38.53 17.62
CA THR A 203 49.13 -38.77 17.19
C THR A 203 49.99 -37.57 17.54
N ASN A 204 51.26 -37.83 17.82
CA ASN A 204 52.20 -36.77 18.18
C ASN A 204 53.48 -36.92 17.38
N ASP A 205 54.08 -35.78 17.02
CA ASP A 205 55.30 -35.74 16.23
C ASP A 205 56.52 -35.56 17.13
N LEU A 206 56.55 -34.48 17.92
CA LEU A 206 57.65 -34.21 18.83
C LEU A 206 57.22 -34.11 20.28
N GLY A 207 55.93 -33.99 20.56
CA GLY A 207 55.44 -33.88 21.93
C GLY A 207 54.26 -34.79 22.20
N PRO A 215 53.79 -42.33 19.74
CA PRO A 215 53.16 -43.30 18.84
C PRO A 215 51.82 -42.80 18.28
N GLN A 216 50.78 -43.62 18.43
CA GLN A 216 49.46 -43.25 17.96
C GLN A 216 48.42 -44.04 18.75
N ALA A 217 47.29 -43.39 19.04
CA ALA A 217 46.21 -44.02 19.77
C ALA A 217 44.90 -43.36 19.35
N ASP A 218 43.80 -43.79 19.90
CA ASP A 218 42.48 -43.22 19.56
C ASP A 218 41.89 -42.57 20.81
N GLY A 219 40.79 -41.87 20.67
CA GLY A 219 40.12 -41.15 21.72
C GLY A 219 38.71 -40.79 21.31
N TYR A 220 37.94 -40.24 22.26
CA TYR A 220 36.53 -39.84 22.05
C TYR A 220 36.36 -38.44 22.58
N VAL A 221 35.56 -37.61 21.92
CA VAL A 221 35.32 -36.22 22.25
C VAL A 221 33.83 -35.92 22.07
N GLY A 222 33.42 -34.78 22.63
CA GLY A 222 32.04 -34.33 22.58
C GLY A 222 31.84 -33.13 21.66
N ASP A 223 30.84 -32.32 21.96
CA ASP A 223 30.51 -31.17 21.12
C ASP A 223 29.55 -30.32 21.93
N THR A 224 29.51 -29.01 21.66
CA THR A 224 28.67 -28.03 22.41
C THR A 224 27.17 -28.36 22.34
N GLN A 225 26.65 -28.99 21.27
CA GLN A 225 25.20 -29.23 21.19
C GLN A 225 24.85 -30.48 22.00
N GLN A 226 25.92 -31.31 22.39
CA GLN A 226 25.61 -32.37 23.34
C GLN A 226 25.13 -31.83 24.68
N VAL A 227 25.30 -30.53 24.94
CA VAL A 227 24.98 -29.97 26.24
C VAL A 227 23.47 -30.03 26.44
N ARG A 228 23.05 -30.52 27.61
CA ARG A 228 21.62 -30.72 27.94
C ARG A 228 21.09 -29.52 28.72
N LEU A 229 19.80 -29.18 28.58
CA LEU A 229 19.14 -28.04 29.26
C LEU A 229 17.92 -28.60 30.01
N SER A 230 17.47 -27.98 31.11
CA SER A 230 16.32 -28.45 31.94
C SER A 230 15.18 -27.46 31.85
N PRO A 231 13.90 -27.79 32.16
CA PRO A 231 12.90 -26.73 32.19
C PRO A 231 13.27 -25.68 33.23
N PRO A 232 12.65 -24.50 33.19
CA PRO A 232 12.89 -23.54 34.25
C PRO A 232 12.35 -24.03 35.59
N PHE A 233 12.95 -23.55 36.67
CA PHE A 233 12.52 -23.97 37.99
C PHE A 233 12.96 -22.97 39.04
N LEU A 234 12.24 -22.98 40.16
CA LEU A 234 12.54 -22.17 41.34
C LEU A 234 13.10 -23.08 42.42
N GLU A 235 14.38 -22.92 42.72
CA GLU A 235 14.99 -23.64 43.83
C GLU A 235 14.36 -23.17 45.13
N CYS A 236 14.26 -24.08 46.09
CA CYS A 236 13.72 -23.78 47.42
C CYS A 236 14.77 -24.06 48.49
N GLN A 237 14.95 -23.10 49.40
CA GLN A 237 15.95 -23.15 50.45
C GLN A 237 15.35 -22.71 51.79
N GLU A 238 15.91 -23.26 52.86
CA GLU A 238 15.29 -23.41 54.20
C GLU A 238 13.80 -23.61 54.07
N GLY A 239 13.37 -24.56 53.25
CA GLY A 239 11.96 -24.87 53.13
C GLY A 239 11.11 -23.84 52.41
N ARG A 240 11.70 -22.71 51.96
CA ARG A 240 10.99 -21.65 51.28
C ARG A 240 11.50 -21.53 49.86
N LEU A 241 10.63 -21.07 48.97
CA LEU A 241 10.97 -20.96 47.55
C LEU A 241 11.81 -19.71 47.30
N ARG A 242 12.92 -19.88 46.61
CA ARG A 242 13.80 -18.77 46.29
C ARG A 242 13.24 -17.99 45.10
N PRO A 243 13.10 -16.67 45.19
CA PRO A 243 12.73 -15.92 43.98
C PRO A 243 13.82 -15.98 42.93
N GLY A 244 13.40 -15.93 41.68
CA GLY A 244 14.31 -16.00 40.55
C GLY A 244 14.36 -17.38 39.94
N TRP A 245 14.01 -17.47 38.66
CA TRP A 245 14.05 -18.74 37.97
C TRP A 245 15.50 -19.17 37.73
N LEU A 246 15.66 -20.39 37.26
CA LEU A 246 16.97 -20.97 37.01
C LEU A 246 16.86 -21.98 35.90
N ILE A 247 18.02 -22.36 35.36
CA ILE A 247 18.11 -23.41 34.36
C ILE A 247 19.51 -23.99 34.41
N THR A 248 19.61 -25.31 34.40
CA THR A 248 20.88 -26.01 34.53
C THR A 248 21.33 -26.55 33.18
N LEU A 249 22.64 -26.46 32.94
CA LEU A 249 23.29 -27.05 31.78
C LEU A 249 24.27 -28.10 32.27
N SER A 250 24.24 -29.27 31.65
CA SER A 250 24.97 -30.44 32.12
C SER A 250 25.75 -31.08 30.98
N ALA A 251 26.86 -31.71 31.35
CA ALA A 251 27.73 -32.40 30.41
C ALA A 251 28.41 -33.55 31.12
N THR A 252 28.90 -34.50 30.32
CA THR A 252 29.52 -35.72 30.82
C THR A 252 30.87 -35.93 30.16
N PHE A 253 31.84 -36.36 30.95
CA PHE A 253 33.18 -36.68 30.47
C PHE A 253 33.46 -38.16 30.67
N TYR A 254 33.99 -38.79 29.63
CA TYR A 254 34.19 -40.24 29.57
C TYR A 254 35.66 -40.58 29.75
N GLY A 255 35.89 -41.77 30.29
CA GLY A 255 37.20 -42.36 30.44
C GLY A 255 37.48 -43.38 29.36
N LEU A 256 38.12 -44.47 29.75
CA LEU A 256 38.41 -45.55 28.80
C LEU A 256 38.54 -46.86 29.58
N LYS A 257 37.89 -47.90 29.09
CA LYS A 257 37.78 -49.20 29.73
C LYS A 257 38.61 -50.24 28.97
N PRO A 258 38.87 -51.42 29.56
CA PRO A 258 39.98 -52.25 29.05
C PRO A 258 39.79 -52.80 27.65
N ASP A 259 38.55 -52.94 27.16
CA ASP A 259 38.31 -53.19 25.75
C ASP A 259 38.34 -51.91 24.91
N LEU A 260 38.52 -50.75 25.55
CA LEU A 260 38.79 -49.49 24.89
C LEU A 260 37.60 -49.02 24.06
N SER A 261 36.46 -48.92 24.73
CA SER A 261 35.32 -48.12 24.30
C SER A 261 34.94 -47.27 25.49
N PRO A 262 34.27 -46.14 25.27
CA PRO A 262 34.14 -45.14 26.34
C PRO A 262 33.17 -45.58 27.43
N GLU A 263 33.40 -45.02 28.63
CA GLU A 263 32.51 -45.20 29.77
C GLU A 263 32.45 -43.90 30.56
N VAL A 264 31.33 -43.71 31.26
CA VAL A 264 31.13 -42.48 32.02
C VAL A 264 32.07 -42.46 33.22
N ARG A 265 32.40 -41.24 33.67
CA ARG A 265 33.18 -41.05 34.87
C ARG A 265 32.70 -39.91 35.77
N GLY A 266 31.79 -39.06 35.30
CA GLY A 266 31.32 -37.97 36.13
C GLY A 266 30.52 -36.98 35.33
N GLN A 267 30.35 -35.79 35.91
CA GLN A 267 29.57 -34.74 35.28
C GLN A 267 30.07 -33.38 35.75
N VAL A 268 29.75 -32.36 34.96
CA VAL A 268 30.04 -30.97 35.28
C VAL A 268 28.80 -30.15 34.93
N GLN A 269 28.38 -29.28 35.84
CA GLN A 269 27.11 -28.58 35.72
C GLN A 269 27.26 -27.12 36.13
N MET A 270 26.32 -26.30 35.64
CA MET A 270 26.20 -24.92 36.06
C MET A 270 24.72 -24.54 36.08
N ASP A 271 24.33 -23.71 37.03
CA ASP A 271 22.99 -23.15 37.13
C ASP A 271 23.02 -21.69 36.70
N VAL A 272 22.11 -21.32 35.81
CA VAL A 272 22.10 -20.01 35.17
C VAL A 272 20.76 -19.35 35.47
N ASP A 273 20.83 -18.13 35.99
CA ASP A 273 19.64 -17.33 36.21
C ASP A 273 19.18 -16.71 34.89
N LEU A 274 17.86 -16.55 34.74
CA LEU A 274 17.25 -16.11 33.49
C LEU A 274 16.09 -15.15 33.73
N GLN A 275 16.05 -14.49 34.88
CA GLN A 275 14.97 -13.56 35.17
C GLN A 275 15.03 -12.34 34.26
N SER A 276 16.22 -11.82 34.00
CA SER A 276 16.39 -10.65 33.16
C SER A 276 16.15 -10.92 31.67
N VAL A 277 16.01 -12.19 31.28
CA VAL A 277 15.80 -12.52 29.88
C VAL A 277 14.35 -12.22 29.50
N ASP A 278 14.17 -11.36 28.52
CA ASP A 278 12.84 -10.93 28.12
C ASP A 278 12.17 -12.00 27.27
N ILE A 279 10.89 -12.24 27.54
CA ILE A 279 10.09 -13.15 26.74
C ILE A 279 9.39 -12.34 25.66
N ASN A 280 9.52 -12.78 24.42
CA ASN A 280 8.73 -12.28 23.30
C ASN A 280 7.72 -13.35 22.95
N GLN A 281 6.45 -13.02 23.09
CA GLN A 281 5.35 -13.96 22.95
C GLN A 281 4.56 -13.77 21.67
N CYS A 282 4.61 -12.59 21.06
CA CYS A 282 3.92 -12.36 19.79
C CYS A 282 4.64 -13.05 18.64
N ALA A 283 5.95 -12.91 18.59
CA ALA A 283 6.75 -13.38 17.47
C ALA A 283 7.07 -14.87 17.65
N SER A 284 8.01 -15.37 16.85
CA SER A 284 8.50 -16.74 16.95
C SER A 284 10.02 -16.71 17.02
N GLY A 285 10.65 -17.88 16.90
CA GLY A 285 12.10 -17.99 16.94
C GLY A 285 12.57 -18.52 18.27
N PRO A 286 13.89 -18.48 18.51
CA PRO A 286 14.41 -19.06 19.76
C PRO A 286 14.15 -18.17 20.97
N GLY A 287 13.19 -18.57 21.78
CA GLY A 287 12.92 -17.97 23.08
C GLY A 287 12.61 -19.09 24.02
N TRP A 288 11.66 -18.89 24.94
CA TRP A 288 11.06 -20.00 25.70
C TRP A 288 9.58 -20.13 25.40
N TYR A 289 8.78 -19.10 25.64
CA TYR A 289 7.36 -19.10 25.32
C TYR A 289 7.22 -18.33 24.01
N SER A 290 7.41 -19.04 22.91
CA SER A 290 7.62 -18.38 21.63
C SER A 290 6.33 -17.82 21.07
N ASN A 291 5.37 -18.69 20.77
CA ASN A 291 4.11 -18.31 20.14
C ASN A 291 3.00 -19.05 20.90
N THR A 292 2.43 -18.32 21.86
CA THR A 292 1.33 -18.90 22.68
C THR A 292 0.35 -17.77 23.04
N HIS A 293 0.31 -16.70 22.23
CA HIS A 293 -0.61 -15.60 22.50
C HIS A 293 -2.04 -15.99 22.15
N LEU A 294 -2.98 -15.18 22.62
CA LEU A 294 -4.40 -15.45 22.51
C LEU A 294 -5.06 -14.70 21.36
N CYS A 295 -4.44 -13.64 20.86
CA CYS A 295 -5.06 -12.80 19.85
C CYS A 295 -4.98 -13.47 18.48
N ASP A 296 -6.14 -13.63 17.84
CA ASP A 296 -6.21 -14.26 16.53
C ASP A 296 -5.87 -13.24 15.44
N LEU A 297 -5.13 -13.72 14.43
CA LEU A 297 -4.76 -12.87 13.29
C LEU A 297 -5.81 -12.96 12.18
N ASN A 298 -7.03 -12.58 12.56
CA ASN A 298 -8.12 -12.30 11.62
C ASN A 298 -8.64 -10.89 11.75
N SER A 299 -8.74 -10.37 12.97
CA SER A 299 -9.14 -9.01 13.25
C SER A 299 -8.10 -8.20 14.00
N THR A 300 -7.06 -8.83 14.55
CA THR A 300 -6.07 -8.19 15.41
C THR A 300 -4.67 -8.54 14.96
N GLN A 301 -3.72 -7.68 15.31
CA GLN A 301 -2.29 -7.90 15.09
C GLN A 301 -1.56 -7.81 16.42
N CYS A 302 -0.65 -8.77 16.65
CA CYS A 302 0.01 -8.90 17.94
C CYS A 302 1.17 -7.93 18.04
N VAL A 303 1.21 -7.17 19.13
CA VAL A 303 2.22 -6.13 19.38
C VAL A 303 2.87 -6.38 20.73
N PRO A 304 4.07 -6.98 20.80
CA PRO A 304 4.63 -7.29 22.12
C PRO A 304 5.28 -6.08 22.77
N LEU A 305 4.93 -5.85 24.03
CA LEU A 305 5.65 -4.89 24.85
C LEU A 305 7.00 -5.46 25.24
N GLU A 306 7.98 -4.57 25.42
CA GLU A 306 9.37 -4.93 25.64
C GLU A 306 9.88 -4.23 26.90
N SER A 307 11.16 -4.47 27.22
CA SER A 307 11.83 -3.88 28.38
C SER A 307 11.27 -4.45 29.68
N GLN A 308 11.13 -5.77 29.75
CA GLN A 308 10.67 -6.48 30.93
C GLN A 308 11.47 -7.75 31.10
N GLY A 309 11.19 -8.48 32.17
CA GLY A 309 11.92 -9.67 32.54
C GLY A 309 11.30 -10.94 31.99
N PHE A 310 11.45 -12.01 32.76
CA PHE A 310 10.93 -13.33 32.39
C PHE A 310 9.49 -13.47 32.89
N VAL A 311 8.65 -12.56 32.41
CA VAL A 311 7.27 -12.42 32.84
C VAL A 311 6.37 -12.67 31.65
N LEU A 312 5.30 -13.41 31.90
CA LEU A 312 4.38 -13.88 30.87
C LEU A 312 3.11 -13.03 30.87
N GLY A 313 2.45 -13.02 29.71
CA GLY A 313 1.18 -12.33 29.56
C GLY A 313 1.27 -10.85 29.28
N ARG A 314 2.46 -10.31 29.03
CA ARG A 314 2.65 -8.87 28.86
C ARG A 314 2.69 -8.56 27.37
N TYR A 315 1.51 -8.38 26.79
CA TYR A 315 1.39 -8.01 25.38
C TYR A 315 -0.02 -7.50 25.13
N LEU A 316 -0.15 -6.70 24.08
CA LEU A 316 -1.44 -6.23 23.58
C LEU A 316 -1.56 -6.65 22.12
N CYS A 317 -2.75 -6.44 21.56
CA CYS A 317 -2.98 -6.79 20.17
C CYS A 317 -4.06 -5.85 19.61
N ARG A 318 -3.60 -4.85 18.86
CA ARG A 318 -4.52 -3.87 18.30
C ARG A 318 -5.32 -4.47 17.15
N CYS A 319 -6.53 -3.95 16.97
CA CYS A 319 -7.35 -4.32 15.82
C CYS A 319 -6.77 -3.70 14.56
N ARG A 320 -6.58 -4.52 13.53
CA ARG A 320 -6.05 -4.03 12.28
C ARG A 320 -7.10 -3.20 11.56
N PRO A 321 -6.71 -2.37 10.58
CA PRO A 321 -7.67 -1.44 9.97
C PRO A 321 -8.88 -2.09 9.31
N GLY A 322 -8.77 -3.34 8.88
CA GLY A 322 -9.90 -4.00 8.24
C GLY A 322 -11.06 -4.21 9.19
N PHE A 323 -10.88 -5.08 10.18
CA PHE A 323 -11.87 -5.29 11.24
C PHE A 323 -11.48 -4.42 12.44
N TYR A 324 -11.58 -3.12 12.21
CA TYR A 324 -11.20 -2.09 13.17
C TYR A 324 -12.43 -1.59 13.92
N GLY A 325 -13.32 -2.51 14.30
CA GLY A 325 -14.52 -2.14 15.09
C GLY A 325 -14.11 -1.60 16.44
N ALA A 326 -12.93 -1.99 16.94
CA ALA A 326 -12.40 -1.52 18.24
C ALA A 326 -13.39 -1.86 19.36
N SER A 327 -14.19 -2.92 19.19
CA SER A 327 -15.18 -3.36 20.20
C SER A 327 -14.46 -3.81 21.49
N PRO A 328 -13.38 -4.64 21.42
CA PRO A 328 -12.68 -5.11 22.62
C PRO A 328 -11.57 -4.13 23.02
N SER A 329 -11.93 -2.88 23.32
CA SER A 329 -10.94 -1.85 23.73
C SER A 329 -9.99 -1.56 22.57
N GLY A 330 -10.38 -1.94 21.35
CA GLY A 330 -9.50 -1.73 20.17
C GLY A 330 -8.18 -2.43 20.33
N GLY A 331 -8.14 -3.49 21.15
CA GLY A 331 -6.89 -4.25 21.38
C GLY A 331 -5.78 -3.36 21.92
N LEU A 332 -6.12 -2.38 22.74
CA LEU A 332 -5.10 -1.48 23.36
C LEU A 332 -4.26 -0.84 22.26
N GLY A 351 -7.26 -17.92 20.33
CA GLY A 351 -8.53 -17.77 19.62
C GLY A 351 -9.53 -16.93 20.40
N ARG A 352 -9.02 -15.87 21.03
CA ARG A 352 -9.85 -14.93 21.76
C ARG A 352 -9.22 -13.54 21.63
N LEU A 353 -9.88 -12.54 22.20
CA LEU A 353 -9.51 -11.14 22.05
C LEU A 353 -9.48 -10.74 20.57
N LEU A 354 -10.37 -11.34 19.77
CA LEU A 354 -10.47 -11.12 18.34
C LEU A 354 -11.81 -10.51 17.94
N GLN A 355 -12.56 -9.99 18.91
CA GLN A 355 -13.93 -9.55 18.68
C GLN A 355 -14.01 -8.09 18.25
N CYS A 356 -12.96 -7.57 17.62
CA CYS A 356 -13.05 -6.27 16.97
C CYS A 356 -14.11 -6.36 15.89
N LEU A 357 -15.12 -5.49 15.97
CA LEU A 357 -16.35 -5.70 15.22
C LEU A 357 -16.04 -5.56 13.73
N PRO A 358 -16.45 -6.52 12.86
CA PRO A 358 -16.16 -6.36 11.43
C PRO A 358 -16.87 -5.15 10.83
N CYS A 359 -16.10 -4.13 10.50
CA CYS A 359 -16.65 -2.86 10.08
C CYS A 359 -17.36 -3.04 8.73
N PRO A 360 -18.67 -2.73 8.60
CA PRO A 360 -19.30 -2.86 7.28
C PRO A 360 -18.74 -1.97 6.19
N GLU A 361 -17.97 -0.95 6.54
CA GLU A 361 -17.42 0.01 5.60
C GLU A 361 -16.07 0.44 6.16
N GLY A 362 -15.56 1.56 5.70
CA GLY A 362 -14.49 2.22 6.40
C GLY A 362 -14.92 3.10 7.54
N CYS A 363 -16.23 3.15 7.86
CA CYS A 363 -16.75 4.03 8.91
C CYS A 363 -17.81 3.41 9.80
N THR A 364 -18.54 2.39 9.36
CA THR A 364 -19.81 2.03 9.99
C THR A 364 -19.64 1.51 11.41
N SER A 365 -18.48 0.96 11.73
CA SER A 365 -18.11 0.68 13.12
C SER A 365 -16.65 0.96 13.44
N CYS A 366 -15.87 1.45 12.48
CA CYS A 366 -14.42 1.64 12.61
C CYS A 366 -14.02 3.09 12.43
N MET A 367 -13.21 3.57 13.39
CA MET A 367 -13.00 4.97 13.79
C MET A 367 -14.17 5.61 14.51
N ASP A 368 -15.32 4.94 14.57
CA ASP A 368 -16.46 5.36 15.38
C ASP A 368 -17.53 4.29 15.20
N ALA A 369 -18.40 4.11 16.19
CA ALA A 369 -19.47 3.13 16.11
C ALA A 369 -20.71 3.65 15.38
N THR A 370 -20.58 4.71 14.60
CA THR A 370 -21.65 5.34 13.82
C THR A 370 -21.17 5.53 12.39
N PRO A 371 -22.09 5.67 11.43
CA PRO A 371 -21.70 5.67 10.02
C PRO A 371 -21.25 7.04 9.50
N CYS A 372 -20.64 7.00 8.31
CA CYS A 372 -20.22 8.17 7.54
C CYS A 372 -21.23 8.42 6.41
N LEU A 373 -20.97 9.47 5.63
CA LEU A 373 -21.86 9.82 4.53
C LEU A 373 -21.89 8.72 3.48
N VAL A 374 -22.99 8.67 2.74
CA VAL A 374 -23.16 7.66 1.70
C VAL A 374 -22.34 8.04 0.47
N GLU A 375 -22.08 7.05 -0.38
CA GLU A 375 -21.21 7.25 -1.53
C GLU A 375 -21.86 8.19 -2.54
N GLU A 376 -21.01 8.86 -3.31
CA GLU A 376 -21.37 9.89 -4.27
C GLU A 376 -21.12 9.37 -5.69
N ALA A 377 -21.46 10.18 -6.68
CA ALA A 377 -21.15 9.88 -8.07
C ALA A 377 -20.95 11.19 -8.81
N ALA A 378 -20.23 11.13 -9.93
CA ALA A 378 -19.93 12.30 -10.73
C ALA A 378 -20.39 12.19 -12.17
N VAL A 379 -20.92 11.05 -12.58
CA VAL A 379 -21.44 10.88 -13.94
C VAL A 379 -22.94 11.17 -14.00
N LEU A 380 -23.70 10.64 -13.04
CA LEU A 380 -25.12 10.93 -12.96
C LEU A 380 -25.36 12.41 -12.68
N ARG A 381 -24.60 12.97 -11.73
CA ARG A 381 -24.87 14.33 -11.26
C ARG A 381 -24.63 15.35 -12.36
N ALA A 382 -23.47 15.29 -13.00
CA ALA A 382 -23.15 16.24 -14.06
C ALA A 382 -24.08 16.06 -15.26
N ALA A 383 -24.44 14.81 -15.57
CA ALA A 383 -25.35 14.57 -16.69
C ALA A 383 -26.71 15.20 -16.45
N VAL A 384 -27.26 15.01 -15.24
CA VAL A 384 -28.56 15.59 -14.93
C VAL A 384 -28.47 17.12 -14.91
N LEU A 385 -27.38 17.65 -14.37
CA LEU A 385 -27.21 19.10 -14.35
C LEU A 385 -27.16 19.68 -15.76
N ALA A 386 -26.42 19.03 -16.66
CA ALA A 386 -26.34 19.52 -18.03
C ALA A 386 -27.69 19.41 -18.73
N CYS A 387 -28.41 18.31 -18.51
CA CYS A 387 -29.71 18.15 -19.13
C CYS A 387 -30.71 19.18 -18.63
N GLN A 388 -30.56 19.62 -17.38
CA GLN A 388 -31.41 20.69 -16.86
C GLN A 388 -31.00 22.04 -17.45
N ALA A 389 -29.69 22.30 -17.52
CA ALA A 389 -29.21 23.57 -18.04
C ALA A 389 -29.57 23.75 -19.51
N CYS A 390 -29.77 22.64 -20.24
CA CYS A 390 -30.30 22.73 -21.60
C CYS A 390 -31.63 23.47 -21.62
N CYS A 391 -32.58 23.02 -20.78
CA CYS A 391 -33.89 23.65 -20.74
C CYS A 391 -33.81 25.07 -20.21
N MET A 392 -32.92 25.30 -19.24
CA MET A 392 -32.73 26.64 -18.70
C MET A 392 -32.29 27.61 -19.80
N LEU A 393 -31.28 27.23 -20.57
CA LEU A 393 -30.81 28.09 -21.63
C LEU A 393 -31.85 28.25 -22.73
N ALA A 394 -32.62 27.19 -23.02
CA ALA A 394 -33.64 27.28 -24.06
C ALA A 394 -34.73 28.27 -23.68
N ILE A 395 -35.24 28.17 -22.45
CA ILE A 395 -36.31 29.09 -22.05
C ILE A 395 -35.79 30.51 -21.90
N PHE A 396 -34.54 30.68 -21.43
CA PHE A 396 -33.97 32.02 -21.37
C PHE A 396 -33.79 32.61 -22.76
N LEU A 397 -33.39 31.77 -23.73
CA LEU A 397 -33.29 32.22 -25.12
C LEU A 397 -34.65 32.64 -25.64
N SER A 398 -35.70 31.88 -25.33
CA SER A 398 -37.04 32.23 -25.77
C SER A 398 -37.47 33.57 -25.20
N MET A 399 -37.22 33.80 -23.91
CA MET A 399 -37.61 35.06 -23.29
C MET A 399 -36.81 36.22 -23.87
N LEU A 400 -35.50 36.02 -24.05
CA LEU A 400 -34.66 37.11 -24.57
C LEU A 400 -35.01 37.44 -26.01
N VAL A 401 -35.30 36.44 -26.84
CA VAL A 401 -35.62 36.69 -28.24
C VAL A 401 -37.03 37.27 -28.37
N SER A 402 -37.94 36.91 -27.46
CA SER A 402 -39.31 37.41 -27.53
C SER A 402 -39.46 38.79 -26.93
N TYR A 403 -38.41 39.40 -26.38
CA TYR A 403 -38.50 40.75 -25.88
C TYR A 403 -38.78 41.75 -27.00
N ARG A 404 -37.98 41.73 -28.06
CA ARG A 404 -38.05 42.80 -29.10
C ARG A 404 -39.06 42.55 -30.21
N CYS A 405 -39.50 41.32 -30.49
CA CYS A 405 -40.33 41.09 -31.68
C CYS A 405 -41.82 41.37 -31.44
N ARG A 406 -42.10 42.19 -30.42
CA ARG A 406 -43.49 42.66 -30.15
C ARG A 406 -43.38 44.15 -29.81
N ARG A 407 -42.24 44.57 -29.23
CA ARG A 407 -42.03 45.99 -28.83
C ARG A 407 -42.15 46.89 -30.07
N ASN A 408 -41.50 46.54 -31.18
CA ASN A 408 -41.53 47.37 -32.38
C ASN A 408 -42.92 47.45 -33.00
N LYS A 409 -43.82 46.55 -32.64
CA LYS A 409 -45.17 46.54 -33.20
C LYS A 409 -46.02 47.61 -32.54
N GLY A 415 -50.22 39.31 -26.23
CA GLY A 415 -49.84 39.82 -24.92
C GLY A 415 -48.42 39.48 -24.54
N VAL A 416 -47.52 40.46 -24.69
CA VAL A 416 -46.12 40.23 -24.39
C VAL A 416 -45.91 40.03 -22.89
N VAL A 417 -46.66 40.77 -22.07
CA VAL A 417 -46.47 40.69 -20.63
C VAL A 417 -46.91 39.33 -20.11
N LEU A 418 -48.02 38.80 -20.63
CA LEU A 418 -48.46 37.47 -20.24
C LEU A 418 -47.45 36.42 -20.66
N LEU A 419 -46.90 36.55 -21.87
CA LEU A 419 -45.94 35.57 -22.37
C LEU A 419 -44.69 35.55 -21.51
N GLU A 420 -44.10 36.72 -21.25
CA GLU A 420 -42.88 36.75 -20.45
C GLU A 420 -43.15 36.33 -19.00
N THR A 421 -44.33 36.65 -18.46
CA THR A 421 -44.64 36.23 -17.10
C THR A 421 -44.75 34.71 -16.99
N VAL A 422 -45.44 34.08 -17.95
CA VAL A 422 -45.55 32.63 -17.92
C VAL A 422 -44.21 31.96 -18.15
N LEU A 423 -43.38 32.54 -19.03
CA LEU A 423 -42.05 31.97 -19.25
C LEU A 423 -41.19 32.11 -18.00
N PHE A 424 -41.32 33.23 -17.29
CA PHE A 424 -40.62 33.39 -16.02
C PHE A 424 -41.12 32.37 -15.00
N GLY A 425 -42.41 32.06 -15.01
CA GLY A 425 -42.92 31.04 -14.12
C GLY A 425 -42.34 29.67 -14.40
N PHE A 426 -42.24 29.31 -15.68
CA PHE A 426 -41.63 28.03 -16.01
C PHE A 426 -40.15 27.99 -15.66
N LEU A 427 -39.44 29.09 -15.91
CA LEU A 427 -38.05 29.20 -15.45
C LEU A 427 -37.98 29.02 -13.94
N LEU A 428 -38.89 29.63 -13.22
CA LEU A 428 -38.97 29.49 -11.77
C LEU A 428 -39.28 28.07 -11.31
N LEU A 429 -39.99 27.28 -12.14
CA LEU A 429 -40.24 25.88 -11.82
C LEU A 429 -39.10 24.95 -12.21
N TYR A 430 -38.19 25.38 -13.09
CA TYR A 430 -37.07 24.54 -13.47
C TYR A 430 -35.88 24.63 -12.52
N PHE A 431 -35.91 25.54 -11.54
CA PHE A 431 -34.84 25.58 -10.54
C PHE A 431 -34.68 24.32 -9.70
N PRO A 432 -35.73 23.74 -9.06
CA PRO A 432 -35.51 22.99 -7.81
C PRO A 432 -34.53 21.83 -7.87
N VAL A 433 -34.42 21.13 -9.00
CA VAL A 433 -33.38 20.12 -9.13
C VAL A 433 -31.99 20.74 -9.16
N PHE A 434 -31.84 21.93 -9.74
CA PHE A 434 -30.57 22.65 -9.61
C PHE A 434 -30.32 23.05 -8.17
N ILE A 435 -31.37 23.46 -7.46
CA ILE A 435 -31.23 23.84 -6.06
C ILE A 435 -30.92 22.60 -5.22
N LEU A 436 -31.56 21.47 -5.53
CA LEU A 436 -31.25 20.19 -4.88
C LEU A 436 -30.13 19.51 -5.66
N TYR A 437 -28.97 20.16 -5.65
CA TYR A 437 -27.72 19.56 -6.12
C TYR A 437 -26.55 19.81 -5.19
N PHE A 438 -26.48 20.96 -4.52
CA PHE A 438 -25.35 21.33 -3.70
C PHE A 438 -25.55 20.79 -2.28
N LYS A 439 -24.68 21.17 -1.36
CA LYS A 439 -24.81 20.78 0.04
C LYS A 439 -26.07 21.42 0.63
N PRO A 440 -26.64 20.83 1.68
CA PRO A 440 -27.88 21.37 2.23
C PRO A 440 -27.65 22.54 3.18
N SER A 441 -28.62 23.46 3.16
CA SER A 441 -28.65 24.58 4.08
C SER A 441 -30.10 24.99 4.28
N VAL A 442 -30.40 25.53 5.46
CA VAL A 442 -31.77 25.93 5.76
C VAL A 442 -32.23 27.02 4.79
N PHE A 443 -31.31 27.92 4.42
CA PHE A 443 -31.61 28.89 3.37
C PHE A 443 -31.92 28.20 2.06
N ARG A 444 -31.16 27.15 1.74
CA ARG A 444 -31.40 26.43 0.49
C ARG A 444 -32.74 25.70 0.51
N CYS A 445 -33.09 25.06 1.63
CA CYS A 445 -34.35 24.35 1.71
C CYS A 445 -35.54 25.31 1.59
N ILE A 446 -35.49 26.42 2.34
CA ILE A 446 -36.59 27.37 2.28
C ILE A 446 -36.65 28.01 0.90
N ALA A 447 -35.50 28.25 0.27
CA ALA A 447 -35.49 28.79 -1.09
C ALA A 447 -36.11 27.82 -2.08
N LEU A 448 -35.87 26.52 -1.90
CA LEU A 448 -36.52 25.52 -2.73
C LEU A 448 -38.04 25.62 -2.60
N ARG A 449 -38.53 25.72 -1.36
CA ARG A 449 -39.99 25.87 -1.15
C ARG A 449 -40.45 27.15 -1.84
N TRP A 450 -39.76 28.27 -1.61
CA TRP A 450 -40.08 29.55 -2.22
C TRP A 450 -40.31 29.40 -3.72
N VAL A 451 -39.29 28.92 -4.44
CA VAL A 451 -39.37 28.87 -5.90
C VAL A 451 -40.47 27.91 -6.35
N ARG A 452 -40.59 26.77 -5.66
CA ARG A 452 -41.59 25.73 -6.02
C ARG A 452 -43.00 26.29 -5.90
N LEU A 453 -43.35 26.96 -4.78
CA LEU A 453 -44.71 27.40 -4.57
C LEU A 453 -45.04 28.63 -5.40
N LEU A 454 -44.10 29.58 -5.50
CA LEU A 454 -44.37 30.76 -6.33
C LEU A 454 -44.49 30.38 -7.80
N GLY A 455 -43.68 29.43 -8.27
CA GLY A 455 -43.79 29.01 -9.65
C GLY A 455 -45.12 28.37 -9.96
N PHE A 456 -45.58 27.48 -9.08
CA PHE A 456 -46.89 26.86 -9.27
C PHE A 456 -47.98 27.92 -9.26
N ALA A 457 -47.91 28.85 -8.31
CA ALA A 457 -48.94 29.87 -8.18
C ALA A 457 -49.03 30.74 -9.42
N ILE A 458 -47.88 31.08 -10.02
CA ILE A 458 -47.91 31.98 -11.18
C ILE A 458 -48.22 31.26 -12.49
N VAL A 459 -47.84 29.98 -12.65
CA VAL A 459 -48.08 29.29 -13.91
C VAL A 459 -49.47 28.68 -13.93
N TYR A 460 -49.80 27.89 -12.90
CA TYR A 460 -51.10 27.18 -12.79
C TYR A 460 -52.21 28.22 -12.56
N GLY A 461 -51.89 29.39 -12.00
CA GLY A 461 -52.87 30.44 -11.88
C GLY A 461 -53.41 30.88 -13.22
N THR A 462 -52.53 31.09 -14.20
CA THR A 462 -52.97 31.55 -15.51
C THR A 462 -53.83 30.50 -16.21
N ILE A 463 -53.45 29.23 -16.05
CA ILE A 463 -54.16 28.10 -16.67
C ILE A 463 -55.62 28.11 -16.20
N ILE A 464 -55.80 28.25 -14.88
CA ILE A 464 -57.15 28.15 -14.33
C ILE A 464 -57.90 29.45 -14.50
N LEU A 465 -57.19 30.58 -14.59
CA LEU A 465 -57.83 31.91 -14.81
C LEU A 465 -58.46 31.92 -16.21
N LYS A 466 -57.78 31.31 -17.20
CA LYS A 466 -58.29 31.26 -18.59
C LYS A 466 -59.37 30.19 -18.68
N LEU A 467 -59.27 29.12 -17.88
CA LEU A 467 -60.27 28.04 -17.86
C LEU A 467 -61.60 28.52 -17.30
N TYR A 468 -61.59 29.07 -16.08
CA TYR A 468 -62.86 29.48 -15.49
C TYR A 468 -63.40 30.75 -16.14
N ARG A 469 -62.54 31.53 -16.81
CA ARG A 469 -63.10 32.70 -17.54
C ARG A 469 -63.93 32.15 -18.70
N VAL A 470 -63.40 31.14 -19.41
CA VAL A 470 -64.16 30.54 -20.50
C VAL A 470 -65.46 29.95 -19.97
N LEU A 471 -65.40 29.22 -18.85
CA LEU A 471 -66.62 28.65 -18.31
C LEU A 471 -67.57 29.71 -17.75
N GLN A 472 -67.07 30.89 -17.40
CA GLN A 472 -67.89 31.97 -16.89
C GLN A 472 -68.47 32.85 -17.99
N LEU A 473 -68.02 32.70 -19.24
CA LEU A 473 -68.56 33.46 -20.37
C LEU A 473 -69.09 32.59 -21.51
N PHE A 474 -69.03 31.22 -21.27
CA PHE A 474 -69.50 30.22 -22.27
C PHE A 474 -71.02 30.29 -22.36
N LEU A 475 -71.72 30.07 -21.25
CA LEU A 475 -73.21 30.12 -21.23
C LEU A 475 -73.67 30.49 -19.82
N SER A 476 -72.81 31.17 -19.05
CA SER A 476 -73.16 31.55 -17.66
C SER A 476 -72.89 33.04 -17.45
N SER A 482 -67.43 42.42 -20.74
CA SER A 482 -66.99 41.84 -19.44
C SER A 482 -65.70 41.05 -19.63
N ALA A 483 -64.56 41.73 -19.69
CA ALA A 483 -63.25 41.05 -19.85
C ALA A 483 -63.33 40.04 -20.98
N LEU A 484 -63.98 40.40 -22.09
CA LEU A 484 -64.12 39.51 -23.24
C LEU A 484 -62.81 38.81 -23.57
N LEU A 485 -61.71 39.57 -23.62
CA LEU A 485 -60.35 39.04 -23.64
C LEU A 485 -59.56 39.37 -22.37
N SER A 486 -60.10 40.23 -21.51
CA SER A 486 -59.67 40.60 -20.17
C SER A 486 -58.46 41.55 -20.15
N SER A 487 -57.74 41.72 -21.28
CA SER A 487 -56.93 42.90 -21.64
C SER A 487 -56.25 43.64 -20.49
N GLY A 488 -55.63 42.91 -19.56
CA GLY A 488 -55.00 43.46 -18.37
C GLY A 488 -55.63 43.02 -17.07
N ARG A 489 -56.94 42.74 -17.09
CA ARG A 489 -57.61 42.22 -15.89
C ARG A 489 -57.00 40.88 -15.44
N LEU A 490 -56.44 40.11 -16.38
CA LEU A 490 -55.72 38.90 -16.02
C LEU A 490 -54.55 39.22 -15.11
N LEU A 491 -53.81 40.29 -15.42
CA LEU A 491 -52.71 40.70 -14.56
C LEU A 491 -53.22 41.16 -13.20
N ARG A 492 -54.37 41.82 -13.17
CA ARG A 492 -54.94 42.28 -11.91
C ARG A 492 -55.29 41.10 -11.01
N ARG A 493 -55.97 40.10 -11.58
CA ARG A 493 -56.38 38.88 -10.84
C ARG A 493 -55.12 38.09 -10.46
N LEU A 494 -54.05 38.15 -11.28
CA LEU A 494 -52.79 37.49 -10.96
C LEU A 494 -52.13 38.12 -9.75
N GLY A 495 -52.15 39.46 -9.68
CA GLY A 495 -51.63 40.12 -8.49
C GLY A 495 -52.45 39.82 -7.25
N LEU A 496 -53.78 39.78 -7.42
CA LEU A 496 -54.67 39.46 -6.31
C LEU A 496 -54.37 38.07 -5.75
N LEU A 497 -53.99 37.14 -6.62
CA LEU A 497 -53.60 35.80 -6.17
C LEU A 497 -52.13 35.71 -5.75
N LEU A 498 -51.30 36.66 -6.19
CA LEU A 498 -49.87 36.60 -5.92
C LEU A 498 -49.52 37.15 -4.54
N LEU A 499 -50.17 38.26 -4.16
CA LEU A 499 -49.83 38.91 -2.86
C LEU A 499 -50.15 37.93 -1.73
N PRO A 500 -51.38 37.38 -1.62
CA PRO A 500 -51.66 36.38 -0.61
C PRO A 500 -50.62 35.25 -0.61
N VAL A 501 -50.37 34.66 -1.78
CA VAL A 501 -49.44 33.49 -1.76
C VAL A 501 -48.09 33.99 -1.23
N LEU A 502 -47.68 35.19 -1.63
CA LEU A 502 -46.33 35.69 -1.22
C LEU A 502 -46.24 35.69 0.32
N GLY A 503 -47.27 36.20 0.99
CA GLY A 503 -47.23 36.29 2.47
C GLY A 503 -47.07 34.94 3.13
N PHE A 504 -47.88 33.97 2.71
CA PHE A 504 -47.82 32.63 3.34
C PHE A 504 -46.36 32.19 3.38
N LEU A 505 -45.67 32.29 2.25
CA LEU A 505 -44.26 31.84 2.19
C LEU A 505 -43.48 32.61 3.26
N ALA A 506 -43.66 33.92 3.33
CA ALA A 506 -42.87 34.74 4.28
C ALA A 506 -43.11 34.30 5.72
N VAL A 507 -44.34 34.47 6.22
CA VAL A 507 -44.57 34.15 7.65
C VAL A 507 -43.91 32.80 7.98
N TRP A 508 -44.29 31.73 7.27
CA TRP A 508 -43.69 30.47 7.68
C TRP A 508 -42.16 30.53 7.58
N THR A 509 -41.65 31.19 6.55
CA THR A 509 -40.20 31.37 6.43
C THR A 509 -39.65 32.07 7.67
N VAL A 510 -40.28 33.16 8.07
CA VAL A 510 -39.85 33.91 9.25
C VAL A 510 -39.84 33.02 10.48
N GLY A 511 -41.00 32.43 10.80
CA GLY A 511 -41.12 31.67 12.03
C GLY A 511 -40.24 30.44 12.06
N ALA A 512 -40.31 29.62 11.00
CA ALA A 512 -39.55 28.38 10.96
C ALA A 512 -38.06 28.64 10.92
N LEU A 513 -37.60 29.64 10.15
CA LEU A 513 -36.18 29.93 10.09
C LEU A 513 -35.66 30.41 11.42
N GLU A 514 -36.41 31.30 12.09
CA GLU A 514 -35.97 31.80 13.38
C GLU A 514 -35.89 30.68 14.41
N ARG A 515 -36.93 29.85 14.51
CA ARG A 515 -36.93 28.80 15.52
C ARG A 515 -35.90 27.72 15.18
N GLY A 516 -35.71 27.42 13.90
CA GLY A 516 -34.72 26.42 13.53
C GLY A 516 -33.30 26.85 13.80
N ILE A 517 -32.95 28.08 13.41
CA ILE A 517 -31.59 28.56 13.60
C ILE A 517 -31.32 29.04 15.02
N GLN A 518 -32.35 29.19 15.85
CA GLN A 518 -32.17 29.66 17.23
C GLN A 518 -31.99 28.51 18.22
N HIS A 519 -33.04 27.68 18.38
CA HIS A 519 -33.05 26.52 19.31
C HIS A 519 -33.26 25.22 18.52
N ALA A 520 -33.57 25.30 17.24
CA ALA A 520 -33.67 24.12 16.34
C ALA A 520 -34.65 23.07 16.84
N PRO A 521 -35.98 23.28 16.83
CA PRO A 521 -36.91 22.22 17.17
C PRO A 521 -36.62 21.21 16.06
N LEU A 522 -36.25 21.67 14.86
CA LEU A 522 -35.85 20.77 13.74
C LEU A 522 -34.56 21.31 13.11
N VAL A 523 -33.66 20.41 12.68
CA VAL A 523 -32.35 20.78 12.05
C VAL A 523 -32.18 20.00 10.76
N ILE A 524 -31.15 20.32 9.97
CA ILE A 524 -30.80 19.50 8.78
C ILE A 524 -30.27 18.19 9.36
N ARG A 525 -31.01 17.07 9.29
CA ARG A 525 -30.54 15.81 9.95
C ARG A 525 -31.14 14.61 9.27
N GLY A 526 -30.27 13.73 8.80
CA GLY A 526 -30.71 12.59 8.01
C GLY A 526 -29.94 11.37 8.38
N HIS A 527 -30.53 10.21 8.13
CA HIS A 527 -29.90 8.92 8.37
C HIS A 527 -30.71 7.80 7.72
N THR A 528 -30.06 6.95 6.92
CA THR A 528 -30.77 5.85 6.29
C THR A 528 -31.03 4.74 7.30
N PRO A 529 -32.12 3.98 7.15
CA PRO A 529 -32.27 2.75 7.95
C PRO A 529 -31.53 1.54 7.36
N SER A 530 -30.96 1.67 6.17
CA SER A 530 -30.22 0.58 5.53
C SER A 530 -28.74 0.54 5.88
N GLY A 531 -28.23 1.53 6.63
CA GLY A 531 -26.86 1.53 7.12
C GLY A 531 -26.00 2.64 6.59
N ARG A 532 -26.57 3.81 6.37
CA ARG A 532 -25.84 4.95 5.79
C ARG A 532 -26.23 6.21 6.54
N HIS A 533 -25.67 7.34 6.14
CA HIS A 533 -25.93 8.64 6.75
C HIS A 533 -25.94 9.71 5.67
N PHE A 534 -26.69 10.79 5.92
CA PHE A 534 -26.79 11.90 4.99
C PHE A 534 -27.45 13.06 5.74
N TYR A 535 -27.50 14.22 5.07
CA TYR A 535 -28.15 15.45 5.60
C TYR A 535 -29.35 15.76 4.72
N LEU A 536 -30.48 16.20 5.28
CA LEU A 536 -31.72 16.41 4.54
C LEU A 536 -32.54 17.50 5.21
N CYS A 537 -33.39 18.14 4.41
CA CYS A 537 -34.33 19.15 4.90
C CYS A 537 -35.54 18.45 5.51
N HIS A 538 -35.99 18.97 6.64
CA HIS A 538 -37.07 18.34 7.39
C HIS A 538 -38.43 18.74 6.81
N HIS A 539 -39.46 17.97 7.17
CA HIS A 539 -40.83 18.16 6.72
C HIS A 539 -41.72 18.46 7.92
N ASP A 540 -42.78 19.23 7.68
CA ASP A 540 -43.57 19.84 8.74
C ASP A 540 -45.05 19.81 8.40
N ARG A 541 -45.87 20.07 9.42
CA ARG A 541 -47.31 20.19 9.22
C ARG A 541 -47.64 21.35 8.29
N TRP A 542 -46.77 22.37 8.30
CA TRP A 542 -46.94 23.59 7.49
C TRP A 542 -46.60 23.26 6.04
N ASP A 543 -45.87 22.17 5.81
CA ASP A 543 -45.56 21.67 4.45
C ASP A 543 -46.71 20.78 4.02
N TYR A 544 -47.49 20.27 4.97
CA TYR A 544 -48.69 19.45 4.67
C TYR A 544 -49.81 20.40 4.26
N ILE A 545 -49.92 21.57 4.90
CA ILE A 545 -50.89 22.59 4.53
C ILE A 545 -50.61 23.09 3.12
N MET A 546 -49.33 23.30 2.78
CA MET A 546 -48.96 23.74 1.44
C MET A 546 -49.41 22.74 0.38
N VAL A 547 -49.14 21.46 0.62
CA VAL A 547 -49.49 20.41 -0.34
C VAL A 547 -51.00 20.33 -0.52
N VAL A 548 -51.73 20.36 0.59
CA VAL A 548 -53.18 20.24 0.51
C VAL A 548 -53.79 21.45 -0.18
N ALA A 549 -53.16 22.62 0.02
CA ALA A 549 -53.65 23.88 -0.56
C ALA A 549 -53.47 23.89 -2.06
N GLU A 550 -52.41 23.26 -2.58
CA GLU A 550 -52.12 23.25 -4.04
C GLU A 550 -52.90 22.11 -4.68
N LEU A 551 -53.29 21.11 -3.89
CA LEU A 551 -54.04 19.94 -4.41
C LEU A 551 -55.53 20.28 -4.46
N LEU A 552 -56.06 21.06 -3.52
CA LEU A 552 -57.45 21.52 -3.58
C LEU A 552 -57.60 22.65 -4.59
N LEU A 553 -56.58 23.51 -4.73
CA LEU A 553 -56.61 24.53 -5.77
C LEU A 553 -56.72 23.89 -7.14
N LEU A 554 -56.04 22.75 -7.35
CA LEU A 554 -56.04 22.06 -8.67
C LEU A 554 -57.33 21.26 -8.82
N CYS A 555 -57.95 20.80 -7.72
CA CYS A 555 -59.23 20.10 -7.76
C CYS A 555 -60.37 21.02 -8.15
N TRP A 556 -60.31 22.29 -7.72
CA TRP A 556 -61.29 23.26 -8.18
C TRP A 556 -61.24 23.38 -9.70
N GLY A 557 -60.03 23.41 -10.26
CA GLY A 557 -59.88 23.42 -11.72
C GLY A 557 -60.38 22.14 -12.37
N SER A 558 -60.24 21.01 -11.69
CA SER A 558 -60.77 19.76 -12.23
C SER A 558 -62.30 19.82 -12.31
N PHE A 559 -62.94 20.40 -11.29
CA PHE A 559 -64.37 20.62 -11.35
C PHE A 559 -64.73 21.55 -12.50
N LEU A 560 -63.93 22.61 -12.70
CA LEU A 560 -64.13 23.50 -13.84
C LEU A 560 -64.02 22.74 -15.16
N CYS A 561 -63.08 21.80 -15.24
CA CYS A 561 -62.90 21.01 -16.45
C CYS A 561 -64.13 20.15 -16.73
N TYR A 562 -64.58 19.40 -15.72
CA TYR A 562 -65.71 18.49 -15.92
C TYR A 562 -67.05 19.20 -15.96
N ALA A 563 -67.11 20.51 -15.68
CA ALA A 563 -68.39 21.22 -15.78
C ALA A 563 -68.91 21.21 -17.21
N THR A 564 -68.08 21.55 -18.18
CA THR A 564 -68.51 21.63 -19.58
C THR A 564 -68.32 20.30 -20.30
N ARG A 565 -67.24 19.57 -19.99
CA ARG A 565 -66.86 18.26 -20.56
C ARG A 565 -67.25 18.01 -22.02
N PHE A 571 -58.76 21.37 -31.52
CA PHE A 571 -60.04 21.85 -31.04
C PHE A 571 -59.93 23.28 -30.54
N HIS A 572 -59.97 23.47 -29.22
CA HIS A 572 -59.90 24.78 -28.61
C HIS A 572 -58.99 24.72 -27.38
N GLU A 573 -58.96 25.82 -26.64
CA GLU A 573 -58.06 25.98 -25.50
C GLU A 573 -58.32 24.96 -24.39
N PRO A 574 -59.54 24.88 -23.84
CA PRO A 574 -59.74 24.00 -22.66
C PRO A 574 -59.49 22.52 -22.92
N ARG A 575 -59.67 22.05 -24.16
CA ARG A 575 -59.53 20.63 -24.46
C ARG A 575 -58.12 20.13 -24.18
N TYR A 576 -57.10 20.88 -24.60
CA TYR A 576 -55.73 20.50 -24.31
C TYR A 576 -55.46 20.55 -22.81
N MET A 577 -56.02 21.56 -22.14
CA MET A 577 -55.69 21.81 -20.74
C MET A 577 -56.26 20.73 -19.83
N GLY A 578 -57.40 20.15 -20.23
CA GLY A 578 -58.06 19.15 -19.40
C GLY A 578 -57.21 17.92 -19.16
N ILE A 579 -56.58 17.39 -20.20
CA ILE A 579 -55.74 16.22 -20.04
C ILE A 579 -54.55 16.54 -19.13
N ALA A 580 -53.94 17.71 -19.34
CA ALA A 580 -52.77 18.10 -18.55
C ALA A 580 -53.12 18.18 -17.07
N LEU A 581 -54.24 18.81 -16.73
CA LEU A 581 -54.54 19.03 -15.32
C LEU A 581 -54.81 17.72 -14.60
N HIS A 582 -55.59 16.82 -15.20
CA HIS A 582 -55.90 15.54 -14.57
C HIS A 582 -54.65 14.67 -14.45
N ASN A 583 -53.86 14.59 -15.52
CA ASN A 583 -52.66 13.77 -15.49
C ASN A 583 -51.68 14.28 -14.45
N GLU A 584 -51.55 15.60 -14.33
CA GLU A 584 -50.59 16.14 -13.38
C GLU A 584 -51.11 16.03 -11.95
N LEU A 585 -52.41 16.06 -11.72
CA LEU A 585 -52.93 15.65 -10.41
C LEU A 585 -52.52 14.24 -10.04
N LEU A 586 -52.73 13.29 -10.97
CA LEU A 586 -52.40 11.91 -10.62
C LEU A 586 -50.90 11.78 -10.33
N LEU A 587 -50.09 12.42 -11.16
CA LEU A 587 -48.63 12.33 -10.98
C LEU A 587 -48.19 12.99 -9.69
N SER A 588 -48.73 14.18 -9.38
CA SER A 588 -48.30 14.89 -8.18
C SER A 588 -48.78 14.17 -6.92
N ALA A 589 -50.00 13.63 -6.94
CA ALA A 589 -50.50 12.91 -5.78
C ALA A 589 -49.64 11.67 -5.51
N ALA A 590 -49.32 10.91 -6.56
CA ALA A 590 -48.45 9.76 -6.37
C ALA A 590 -47.06 10.20 -5.92
N PHE A 591 -46.56 11.30 -6.46
CA PHE A 591 -45.23 11.78 -6.12
C PHE A 591 -45.14 12.15 -4.66
N HIS A 592 -46.11 12.90 -4.14
CA HIS A 592 -46.07 13.30 -2.74
C HIS A 592 -46.34 12.11 -1.82
N THR A 593 -47.25 11.23 -2.21
CA THR A 593 -47.55 10.05 -1.40
C THR A 593 -46.31 9.17 -1.27
N ALA A 594 -45.52 9.08 -2.34
CA ALA A 594 -44.25 8.38 -2.24
C ALA A 594 -43.26 9.17 -1.39
N ARG A 595 -43.03 10.43 -1.77
CA ARG A 595 -41.99 11.28 -1.14
C ARG A 595 -42.11 11.38 0.37
N PHE A 596 -43.30 11.55 0.94
CA PHE A 596 -43.38 11.84 2.37
C PHE A 596 -43.10 10.62 3.25
N VAL A 597 -42.92 9.42 2.68
CA VAL A 597 -42.66 8.20 3.44
C VAL A 597 -41.46 7.40 2.91
N LEU A 598 -40.98 7.72 1.70
CA LEU A 598 -39.81 7.04 1.14
C LEU A 598 -38.50 7.80 1.40
N VAL A 599 -38.42 9.07 0.99
CA VAL A 599 -37.15 9.77 0.88
C VAL A 599 -36.40 9.92 2.20
N PRO A 600 -37.00 9.81 3.39
CA PRO A 600 -36.16 9.63 4.58
C PRO A 600 -35.22 8.44 4.51
N SER A 601 -35.59 7.37 3.82
CA SER A 601 -34.80 6.14 3.75
C SER A 601 -34.15 5.89 2.40
N LEU A 602 -34.16 6.88 1.49
CA LEU A 602 -33.72 6.69 0.11
C LEU A 602 -32.38 7.39 -0.14
N HIS A 603 -31.67 6.89 -1.14
CA HIS A 603 -30.38 7.44 -1.52
C HIS A 603 -30.54 8.88 -2.02
N PRO A 604 -29.57 9.77 -1.78
CA PRO A 604 -29.66 11.11 -2.38
C PRO A 604 -29.70 11.12 -3.90
N ASP A 605 -28.91 10.24 -4.54
CA ASP A 605 -28.91 10.19 -6.00
C ASP A 605 -30.25 9.70 -6.51
N TRP A 606 -30.84 8.72 -5.84
CA TRP A 606 -32.11 8.17 -6.30
C TRP A 606 -33.23 9.20 -6.20
N THR A 607 -33.27 9.97 -5.11
CA THR A 607 -34.30 10.98 -5.00
C THR A 607 -34.04 12.16 -5.92
N LEU A 608 -32.78 12.48 -6.20
CA LEU A 608 -32.50 13.49 -7.23
C LEU A 608 -33.03 13.03 -8.58
N LEU A 609 -32.83 11.76 -8.91
CA LEU A 609 -33.35 11.23 -10.16
C LEU A 609 -34.88 11.25 -10.18
N LEU A 610 -35.48 10.93 -9.04
CA LEU A 610 -36.94 10.97 -8.92
C LEU A 610 -37.46 12.38 -9.17
N PHE A 611 -36.85 13.37 -8.52
CA PHE A 611 -37.25 14.76 -8.72
C PHE A 611 -37.06 15.19 -10.16
N PHE A 612 -35.96 14.76 -10.78
CA PHE A 612 -35.70 15.12 -12.16
C PHE A 612 -36.76 14.56 -13.09
N PHE A 613 -37.07 13.26 -12.95
CA PHE A 613 -38.06 12.67 -13.84
C PHE A 613 -39.43 13.30 -13.62
N HIS A 614 -39.79 13.54 -12.36
CA HIS A 614 -41.09 14.13 -12.05
C HIS A 614 -41.22 15.53 -12.66
N THR A 615 -40.25 16.41 -12.40
CA THR A 615 -40.36 17.77 -12.88
C THR A 615 -40.27 17.84 -14.39
N HIS A 616 -39.40 17.02 -15.00
CA HIS A 616 -39.30 17.00 -16.45
C HIS A 616 -40.63 16.57 -17.07
N SER A 617 -41.20 15.47 -16.58
CA SER A 617 -42.45 14.97 -17.14
C SER A 617 -43.57 16.00 -17.00
N THR A 618 -43.79 16.50 -15.78
CA THR A 618 -44.94 17.37 -15.56
C THR A 618 -44.78 18.71 -16.28
N VAL A 619 -43.61 19.35 -16.15
CA VAL A 619 -43.45 20.69 -16.69
C VAL A 619 -43.34 20.64 -18.21
N THR A 620 -42.62 19.65 -18.75
CA THR A 620 -42.53 19.51 -20.19
C THR A 620 -43.88 19.19 -20.80
N THR A 621 -44.67 18.34 -20.14
CA THR A 621 -46.01 18.04 -20.64
C THR A 621 -46.88 19.29 -20.65
N THR A 622 -46.83 20.07 -19.56
CA THR A 622 -47.62 21.29 -19.51
C THR A 622 -47.19 22.28 -20.58
N LEU A 623 -45.88 22.46 -20.74
CA LEU A 623 -45.34 23.39 -21.73
C LEU A 623 -45.74 22.98 -23.14
N ALA A 624 -45.62 21.69 -23.44
CA ALA A 624 -45.98 21.21 -24.77
C ALA A 624 -47.47 21.41 -25.02
N LEU A 625 -48.32 20.96 -24.10
CA LEU A 625 -49.75 21.01 -24.35
C LEU A 625 -50.34 22.41 -24.23
N ILE A 626 -49.59 23.40 -23.74
CA ILE A 626 -50.05 24.80 -23.76
C ILE A 626 -49.51 25.55 -24.99
N PHE A 627 -48.24 25.35 -25.37
CA PHE A 627 -47.64 26.11 -26.46
C PHE A 627 -47.71 25.42 -27.82
N ILE A 628 -48.20 24.18 -27.91
CA ILE A 628 -48.41 23.57 -29.22
C ILE A 628 -49.48 24.29 -30.02
N PRO A 629 -50.66 24.63 -29.46
CA PRO A 629 -51.64 25.39 -30.26
C PRO A 629 -51.16 26.76 -30.73
N LYS A 630 -50.13 27.30 -30.10
CA LYS A 630 -49.60 28.64 -30.45
C LYS A 630 -48.76 28.52 -31.73
N PHE A 631 -48.19 27.35 -32.02
CA PHE A 631 -47.30 27.18 -33.16
C PHE A 631 -48.05 26.81 -34.45
N TRP A 632 -49.33 26.45 -34.35
CA TRP A 632 -50.11 25.99 -35.49
C TRP A 632 -51.54 26.46 -35.34
N LYS A 633 -52.03 27.22 -36.31
CA LYS A 633 -53.36 27.79 -36.25
C LYS A 633 -53.79 28.36 -37.61
N GLY B 55 51.85 -11.78 -4.47
CA GLY B 55 51.05 -10.99 -5.40
C GLY B 55 49.76 -10.50 -4.79
N ALA B 56 49.55 -9.19 -4.80
CA ALA B 56 48.35 -8.57 -4.25
C ALA B 56 47.26 -8.39 -5.30
N GLU B 57 47.47 -8.88 -6.52
CA GLU B 57 46.48 -8.79 -7.58
C GLU B 57 45.65 -10.05 -7.71
N ALA B 58 46.30 -11.21 -7.84
CA ALA B 58 45.56 -12.46 -7.90
C ALA B 58 44.83 -12.73 -6.60
N ALA B 59 45.42 -12.32 -5.47
CA ALA B 59 44.74 -12.47 -4.19
C ALA B 59 43.48 -11.63 -4.14
N LEU B 60 43.53 -10.41 -4.67
CA LEU B 60 42.33 -9.58 -4.72
C LEU B 60 41.31 -10.16 -5.68
N ALA B 61 41.76 -10.80 -6.77
CA ALA B 61 40.84 -11.50 -7.65
C ALA B 61 40.21 -12.71 -6.98
N TYR B 62 40.90 -13.30 -5.99
CA TYR B 62 40.33 -14.39 -5.22
C TYR B 62 39.18 -13.92 -4.33
N LEU B 63 39.14 -12.65 -3.99
CA LEU B 63 38.10 -12.11 -3.14
C LEU B 63 36.79 -11.91 -3.89
N TYR B 64 36.79 -12.01 -5.22
CA TYR B 64 35.57 -11.87 -6.01
C TYR B 64 35.16 -13.15 -6.72
N SER B 65 36.03 -14.16 -6.77
CA SER B 65 35.70 -15.46 -7.34
C SER B 65 36.20 -16.54 -6.41
N GLY B 66 35.45 -17.64 -6.32
CA GLY B 66 35.80 -18.70 -5.41
C GLY B 66 36.83 -19.69 -5.90
N ASP B 67 37.36 -19.51 -7.12
CA ASP B 67 38.30 -20.46 -7.67
C ASP B 67 39.63 -20.42 -6.93
N ALA B 68 40.18 -21.59 -6.64
CA ALA B 68 41.46 -21.71 -5.96
C ALA B 68 42.63 -21.91 -6.91
N GLN B 69 42.38 -22.41 -8.12
CA GLN B 69 43.46 -22.59 -9.08
C GLN B 69 44.01 -21.25 -9.56
N GLN B 70 43.21 -20.19 -9.49
CA GLN B 70 43.70 -18.86 -9.81
C GLN B 70 44.70 -18.35 -8.77
N LEU B 71 44.69 -18.92 -7.56
CA LEU B 71 45.66 -18.56 -6.54
C LEU B 71 47.01 -19.24 -6.73
N SER B 72 47.13 -20.17 -7.67
CA SER B 72 48.40 -20.83 -7.91
C SER B 72 49.33 -19.90 -8.69
N GLN B 73 50.53 -20.39 -8.97
CA GLN B 73 51.54 -19.67 -9.75
C GLN B 73 52.01 -18.38 -9.08
N VAL B 74 51.87 -18.28 -7.76
CA VAL B 74 52.29 -17.10 -7.02
C VAL B 74 53.15 -17.55 -5.84
N ASN B 75 54.23 -16.81 -5.61
CA ASN B 75 55.13 -17.09 -4.50
C ASN B 75 54.81 -16.18 -3.31
N CYS B 76 55.35 -16.54 -2.16
CA CYS B 76 55.09 -15.81 -0.92
C CYS B 76 56.38 -15.46 -0.19
N SER B 77 56.33 -14.34 0.50
CA SER B 77 57.31 -13.99 1.52
C SER B 77 56.65 -13.46 2.77
N GLU B 78 55.33 -13.27 2.77
CA GLU B 78 54.59 -12.71 3.88
C GLU B 78 53.11 -13.00 3.66
N ARG B 79 52.36 -13.06 4.76
CA ARG B 79 50.93 -13.24 4.66
C ARG B 79 50.28 -12.01 4.02
N TYR B 80 49.18 -12.25 3.31
CA TYR B 80 48.36 -11.20 2.71
C TYR B 80 47.07 -11.10 3.49
N GLU B 81 46.91 -10.00 4.24
CA GLU B 81 45.71 -9.77 5.03
C GLU B 81 44.69 -8.99 4.21
N ALA B 82 43.42 -9.34 4.39
CA ALA B 82 42.36 -8.61 3.72
C ALA B 82 42.30 -7.18 4.22
N ARG B 83 41.77 -6.30 3.37
CA ARG B 83 41.82 -4.86 3.62
C ARG B 83 40.61 -4.23 2.94
N GLY B 84 39.60 -3.87 3.75
CA GLY B 84 38.38 -3.31 3.24
C GLY B 84 37.71 -2.39 4.26
N ALA B 85 36.46 -2.01 3.97
CA ALA B 85 35.74 -1.13 4.88
C ALA B 85 35.48 -1.79 6.22
N GLY B 86 35.09 -3.07 6.20
CA GLY B 86 34.70 -3.81 7.38
C GLY B 86 35.61 -4.99 7.65
N ALA B 87 36.91 -4.79 7.53
CA ALA B 87 37.86 -5.87 7.80
C ALA B 87 37.79 -6.33 9.25
N MET B 88 37.44 -5.43 10.18
CA MET B 88 37.37 -5.71 11.62
C MET B 88 35.98 -5.32 12.12
N PRO B 89 34.99 -6.24 12.05
CA PRO B 89 33.61 -5.84 12.36
C PRO B 89 33.24 -5.92 13.84
N GLY B 90 33.85 -6.85 14.57
CA GLY B 90 33.40 -7.22 15.90
C GLY B 90 33.33 -8.74 16.04
N LEU B 91 32.54 -9.21 17.01
CA LEU B 91 32.45 -10.63 17.32
C LEU B 91 31.07 -11.15 16.89
N PRO B 92 30.94 -11.89 15.79
CA PRO B 92 29.65 -12.48 15.44
C PRO B 92 29.32 -13.67 16.33
N PRO B 93 28.08 -14.20 16.24
CA PRO B 93 27.62 -15.16 17.27
C PRO B 93 28.39 -16.48 17.32
N SER B 94 28.67 -17.09 16.16
CA SER B 94 29.42 -18.35 16.18
C SER B 94 30.81 -18.14 16.77
N LEU B 95 31.41 -16.98 16.49
CA LEU B 95 32.67 -16.66 17.12
C LEU B 95 32.51 -16.37 18.61
N GLN B 96 31.32 -15.97 19.07
CA GLN B 96 31.10 -15.91 20.51
C GLN B 96 31.13 -17.32 21.10
N GLY B 97 30.53 -18.28 20.40
CA GLY B 97 30.60 -19.65 20.86
C GLY B 97 32.03 -20.19 20.93
N ALA B 98 32.87 -19.80 19.97
CA ALA B 98 34.27 -20.23 20.01
C ALA B 98 35.07 -19.49 21.08
N ALA B 99 34.79 -18.20 21.25
CA ALA B 99 35.48 -17.41 22.27
C ALA B 99 35.14 -17.89 23.66
N GLY B 100 33.94 -18.45 23.86
CA GLY B 100 33.63 -19.08 25.12
C GLY B 100 34.57 -20.23 25.44
N THR B 101 34.88 -21.03 24.42
CA THR B 101 35.88 -22.09 24.60
C THR B 101 37.24 -21.52 24.92
N LEU B 102 37.63 -20.46 24.21
CA LEU B 102 38.99 -19.95 24.38
C LEU B 102 39.20 -19.26 25.72
N ALA B 103 38.17 -18.60 26.26
CA ALA B 103 38.34 -17.87 27.52
C ALA B 103 38.50 -18.80 28.71
N GLN B 104 37.85 -19.96 28.68
CA GLN B 104 37.88 -20.90 29.80
C GLN B 104 39.29 -21.38 30.09
N ALA B 105 40.06 -21.67 29.05
CA ALA B 105 41.42 -22.16 29.24
C ALA B 105 42.29 -21.12 29.91
N ALA B 106 42.17 -19.87 29.48
CA ALA B 106 42.92 -18.78 30.10
C ALA B 106 42.53 -18.59 31.55
N ASN B 107 41.22 -18.66 31.85
CA ASN B 107 40.79 -18.48 33.23
C ASN B 107 41.27 -19.61 34.11
N PHE B 108 41.22 -20.84 33.63
CA PHE B 108 41.75 -21.97 34.38
C PHE B 108 43.24 -21.80 34.64
N LEU B 109 43.98 -21.37 33.62
CA LEU B 109 45.42 -21.20 33.79
C LEU B 109 45.75 -20.10 34.78
N ASN B 110 45.05 -18.97 34.70
CA ASN B 110 45.40 -17.88 35.61
C ASN B 110 44.97 -18.18 37.04
N MET B 111 43.84 -18.86 37.24
CA MET B 111 43.48 -19.28 38.59
C MET B 111 44.53 -20.22 39.16
N LEU B 112 44.97 -21.20 38.35
CA LEU B 112 45.98 -22.15 38.82
C LEU B 112 47.29 -21.46 39.15
N LEU B 113 47.72 -20.51 38.32
CA LEU B 113 49.02 -19.89 38.52
C LEU B 113 48.99 -18.84 39.63
N GLN B 114 47.85 -18.17 39.81
CA GLN B 114 47.73 -17.22 40.90
C GLN B 114 47.65 -17.93 42.25
N ALA B 115 46.96 -19.08 42.29
CA ALA B 115 46.79 -19.78 43.55
C ALA B 115 48.12 -20.27 44.11
N ASN B 116 49.00 -20.78 43.26
CA ASN B 116 50.29 -21.33 43.65
C ASN B 116 51.38 -20.80 42.74
N ASP B 117 52.51 -20.43 43.33
CA ASP B 117 53.62 -19.84 42.60
C ASP B 117 54.62 -20.85 42.07
N ILE B 118 54.51 -22.13 42.47
CA ILE B 118 55.42 -23.15 41.99
C ILE B 118 54.99 -23.68 40.62
N ARG B 119 53.69 -23.61 40.34
CA ARG B 119 53.11 -24.14 39.09
C ARG B 119 53.83 -23.59 37.86
N GLU B 120 54.13 -22.28 37.85
CA GLU B 120 54.85 -21.60 36.73
C GLU B 120 56.17 -22.33 36.52
N SER B 121 56.86 -22.74 37.58
CA SER B 121 58.01 -23.63 37.46
C SER B 121 57.52 -25.06 37.32
N SER B 122 58.45 -25.95 36.96
CA SER B 122 58.15 -27.38 36.82
C SER B 122 57.10 -27.63 35.74
N VAL B 123 57.05 -26.78 34.72
CA VAL B 123 56.15 -27.00 33.60
C VAL B 123 56.56 -28.23 32.79
N GLU B 124 57.82 -28.66 32.88
CA GLU B 124 58.36 -29.74 32.02
C GLU B 124 57.67 -31.06 32.36
N GLU B 125 57.54 -31.37 33.66
CA GLU B 125 56.91 -32.61 34.09
C GLU B 125 55.38 -32.53 34.11
N ASP B 126 54.81 -31.33 34.02
CA ASP B 126 53.37 -31.15 33.99
C ASP B 126 52.82 -31.10 32.56
N VAL B 127 53.57 -31.61 31.58
CA VAL B 127 53.20 -31.43 30.17
C VAL B 127 51.92 -32.15 29.80
N GLU B 128 51.53 -33.20 30.55
CA GLU B 128 50.33 -33.96 30.21
C GLU B 128 49.09 -33.08 30.25
N TRP B 129 48.99 -32.24 31.28
CA TRP B 129 47.82 -31.40 31.46
C TRP B 129 47.71 -30.38 30.33
N TYR B 130 48.84 -29.80 29.92
CA TYR B 130 48.81 -28.80 28.87
C TYR B 130 48.57 -29.42 27.50
N GLN B 131 49.08 -30.64 27.29
CA GLN B 131 48.76 -31.37 26.07
C GLN B 131 47.25 -31.60 25.96
N ALA B 132 46.64 -32.05 27.06
CA ALA B 132 45.19 -32.24 27.07
C ALA B 132 44.46 -30.92 26.86
N LEU B 133 45.01 -29.83 27.39
CA LEU B 133 44.37 -28.52 27.23
C LEU B 133 44.37 -28.08 25.78
N VAL B 134 45.50 -28.20 25.09
CA VAL B 134 45.53 -27.79 23.68
C VAL B 134 44.66 -28.71 22.83
N ARG B 135 44.64 -30.00 23.15
CA ARG B 135 43.74 -30.90 22.42
C ARG B 135 42.28 -30.52 22.63
N SER B 136 41.93 -30.12 23.85
CA SER B 136 40.56 -29.68 24.11
C SER B 136 40.22 -28.41 23.36
N VAL B 137 41.16 -27.46 23.30
CA VAL B 137 40.92 -26.22 22.58
C VAL B 137 40.76 -26.48 21.10
N ALA B 138 41.50 -27.47 20.57
CA ALA B 138 41.42 -27.77 19.14
C ALA B 138 40.10 -28.39 18.74
N GLU B 139 39.29 -28.88 19.69
CA GLU B 139 37.97 -29.42 19.42
C GLU B 139 36.86 -28.38 19.66
N GLY B 140 37.22 -27.11 19.81
CA GLY B 140 36.23 -26.12 20.19
C GLY B 140 35.18 -25.86 19.14
N ASP B 141 35.59 -25.81 17.87
CA ASP B 141 34.74 -25.50 16.73
C ASP B 141 35.02 -26.50 15.62
N PRO B 142 34.03 -26.83 14.77
CA PRO B 142 34.36 -27.67 13.60
C PRO B 142 35.16 -26.96 12.53
N ARG B 143 35.22 -25.63 12.53
CA ARG B 143 35.93 -24.85 11.52
C ARG B 143 37.28 -24.38 12.02
N VAL B 144 37.91 -25.16 12.89
CA VAL B 144 39.18 -24.81 13.52
C VAL B 144 40.29 -25.54 12.80
N TYR B 145 41.34 -24.80 12.43
CA TYR B 145 42.47 -25.33 11.67
C TYR B 145 43.68 -25.65 12.53
N ARG B 146 43.92 -24.87 13.59
CA ARG B 146 45.12 -25.05 14.39
C ARG B 146 44.89 -24.45 15.77
N ALA B 147 45.69 -24.91 16.74
CA ALA B 147 45.71 -24.38 18.09
C ALA B 147 47.13 -24.31 18.59
N LEU B 148 47.41 -23.32 19.44
CA LEU B 148 48.75 -23.03 19.89
C LEU B 148 48.71 -22.52 21.33
N LEU B 149 49.56 -23.08 22.17
CA LEU B 149 49.74 -22.65 23.56
C LEU B 149 51.21 -22.35 23.77
N THR B 150 51.51 -21.15 24.23
CA THR B 150 52.88 -20.72 24.45
C THR B 150 53.13 -20.12 25.83
N PHE B 151 54.30 -20.42 26.38
CA PHE B 151 54.72 -19.92 27.68
C PHE B 151 55.88 -18.95 27.49
N ASN B 152 55.74 -17.76 28.07
CA ASN B 152 56.81 -16.78 27.99
C ASN B 152 58.02 -17.29 28.78
N PRO B 153 59.22 -16.86 28.41
CA PRO B 153 60.43 -17.48 28.98
C PRO B 153 60.63 -17.08 30.42
N PRO B 154 61.63 -17.63 31.09
CA PRO B 154 61.96 -17.17 32.45
C PRO B 154 62.57 -15.78 32.40
N PRO B 155 62.85 -15.18 33.56
CA PRO B 155 63.45 -13.83 33.57
C PRO B 155 64.78 -13.77 32.86
N GLY B 156 64.83 -13.01 31.76
CA GLY B 156 66.05 -12.87 30.99
C GLY B 156 66.51 -14.16 30.33
N ALA B 157 65.68 -14.71 29.44
CA ALA B 157 66.00 -15.94 28.74
C ALA B 157 65.79 -15.73 27.24
N SER B 158 66.17 -16.73 26.45
CA SER B 158 66.06 -16.65 25.01
C SER B 158 65.22 -17.77 24.40
N HIS B 159 64.81 -18.77 25.17
CA HIS B 159 64.01 -19.87 24.66
C HIS B 159 62.68 -19.89 25.40
N LEU B 160 61.59 -20.02 24.66
CA LEU B 160 60.29 -20.26 25.29
C LEU B 160 60.35 -21.55 26.06
N GLN B 161 59.88 -21.52 27.31
CA GLN B 161 59.92 -22.70 28.16
C GLN B 161 59.07 -23.83 27.62
N LEU B 162 58.05 -23.52 26.82
CA LEU B 162 57.22 -24.57 26.24
C LEU B 162 56.31 -24.00 25.15
N ALA B 163 56.22 -24.71 24.03
CA ALA B 163 55.23 -24.46 23.01
C ALA B 163 54.58 -25.79 22.65
N LEU B 164 53.35 -25.72 22.14
CA LEU B 164 52.62 -26.91 21.76
C LEU B 164 51.57 -26.50 20.74
N GLN B 165 51.44 -27.30 19.69
CA GLN B 165 50.50 -27.01 18.62
C GLN B 165 49.71 -28.26 18.28
N ALA B 166 48.44 -28.06 17.93
CA ALA B 166 47.56 -29.15 17.50
C ALA B 166 46.91 -28.75 16.18
N THR B 167 47.01 -29.62 15.18
CA THR B 167 46.50 -29.34 13.85
C THR B 167 45.33 -30.28 13.55
N ARG B 168 44.26 -29.79 12.94
CA ARG B 168 43.02 -30.58 12.68
C ARG B 168 43.03 -31.02 11.22
N THR B 169 43.72 -32.12 10.94
CA THR B 169 43.85 -32.68 9.60
C THR B 169 42.87 -33.85 9.49
N GLY B 170 41.69 -33.57 8.91
CA GLY B 170 40.67 -34.59 8.80
C GLY B 170 40.16 -35.04 10.15
N GLU B 171 39.82 -36.32 10.24
CA GLU B 171 39.40 -36.92 11.51
C GLU B 171 40.61 -37.31 12.36
N GLU B 172 41.46 -36.34 12.69
CA GLU B 172 42.70 -36.58 13.41
C GLU B 172 43.17 -35.27 14.03
N THR B 173 44.03 -35.38 15.02
CA THR B 173 44.68 -34.21 15.62
C THR B 173 46.14 -34.57 15.86
N ILE B 174 47.03 -33.65 15.47
CA ILE B 174 48.47 -33.88 15.53
C ILE B 174 49.09 -32.90 16.51
N LEU B 175 49.86 -33.41 17.46
CA LEU B 175 50.55 -32.61 18.46
C LEU B 175 52.04 -32.70 18.24
N GLN B 176 52.69 -31.55 18.05
CA GLN B 176 54.13 -31.48 17.90
C GLN B 176 54.67 -30.40 18.81
N ASP B 177 55.92 -30.58 19.25
CA ASP B 177 56.49 -29.71 20.27
C ASP B 177 56.58 -28.26 19.82
N LEU B 178 57.39 -28.00 18.79
CA LEU B 178 57.57 -26.60 18.26
C LEU B 178 58.18 -25.71 19.34
N SER B 179 58.91 -26.31 20.29
CA SER B 179 59.57 -25.55 21.34
C SER B 179 61.08 -25.72 21.24
N GLY B 180 61.80 -24.62 21.43
CA GLY B 180 63.25 -24.66 21.32
C GLY B 180 63.72 -24.32 19.92
N ASN B 181 63.14 -24.98 18.92
CA ASN B 181 63.51 -24.74 17.52
C ASN B 181 62.51 -23.78 16.86
N TRP B 182 61.81 -23.02 17.71
CA TRP B 182 60.93 -21.95 17.25
C TRP B 182 61.04 -20.78 18.21
N VAL B 183 62.22 -20.61 18.81
CA VAL B 183 62.40 -19.60 19.85
C VAL B 183 62.72 -18.25 19.20
N GLN B 184 61.67 -17.52 18.81
CA GLN B 184 61.81 -16.23 18.16
C GLN B 184 61.15 -15.10 18.92
N GLU B 185 60.55 -15.37 20.07
CA GLU B 185 59.85 -14.35 20.83
C GLU B 185 59.69 -14.77 22.30
N THR B 194 47.23 -5.24 31.94
CA THR B 194 45.92 -5.38 32.56
C THR B 194 44.85 -4.66 31.76
N PRO B 195 44.16 -5.39 30.87
CA PRO B 195 43.11 -4.79 30.03
C PRO B 195 41.75 -4.79 30.72
N ALA B 196 41.63 -3.98 31.78
CA ALA B 196 40.42 -3.92 32.60
C ALA B 196 40.11 -5.28 33.22
N LEU B 197 41.16 -5.96 33.69
CA LEU B 197 41.00 -7.28 34.28
C LEU B 197 40.20 -7.19 35.57
N LYS B 198 39.18 -8.04 35.70
CA LYS B 198 38.34 -8.02 36.88
C LYS B 198 39.05 -8.68 38.06
N LYS B 199 38.45 -8.42 39.25
CA LYS B 199 39.03 -8.98 40.49
C LYS B 199 38.00 -9.83 41.21
N ARG B 200 38.46 -10.95 41.78
CA ARG B 200 37.60 -11.84 42.53
C ARG B 200 38.27 -12.20 43.84
N VAL B 201 37.46 -12.48 44.86
CA VAL B 201 37.97 -12.89 46.16
C VAL B 201 37.83 -14.40 46.26
N LEU B 202 38.94 -15.09 46.50
CA LEU B 202 38.97 -16.54 46.54
C LEU B 202 38.92 -16.99 47.99
N THR B 203 37.80 -17.58 48.39
CA THR B 203 37.61 -18.11 49.73
C THR B 203 37.08 -19.52 49.65
N ASN B 204 37.44 -20.34 50.62
CA ASN B 204 37.02 -21.73 50.67
C ASN B 204 36.48 -22.06 52.05
N ASP B 205 35.46 -22.92 52.09
CA ASP B 205 34.82 -23.34 53.34
C ASP B 205 35.36 -24.68 53.81
N LEU B 206 35.25 -25.72 52.96
CA LEU B 206 35.75 -27.04 53.30
C LEU B 206 36.79 -27.56 52.31
N GLY B 207 36.95 -26.93 51.15
CA GLY B 207 37.91 -27.37 50.17
C GLY B 207 38.73 -26.23 49.61
N PRO B 215 41.79 -20.36 54.00
CA PRO B 215 41.76 -18.95 54.36
C PRO B 215 41.03 -18.09 53.33
N GLN B 216 41.69 -17.03 52.89
CA GLN B 216 41.12 -16.13 51.88
C GLN B 216 42.25 -15.41 51.16
N ALA B 217 42.06 -15.21 49.86
CA ALA B 217 43.05 -14.52 49.04
C ALA B 217 42.30 -13.84 47.88
N ASP B 218 43.02 -13.17 47.02
CA ASP B 218 42.42 -12.47 45.88
C ASP B 218 42.95 -13.09 44.59
N GLY B 219 42.40 -12.72 43.46
CA GLY B 219 42.74 -13.22 42.15
C GLY B 219 42.20 -12.32 41.06
N TYR B 220 42.58 -12.61 39.82
CA TYR B 220 42.18 -11.83 38.63
C TYR B 220 41.67 -12.79 37.58
N VAL B 221 40.65 -12.40 36.83
CA VAL B 221 39.99 -13.21 35.82
C VAL B 221 39.68 -12.34 34.61
N GLY B 222 39.37 -13.00 33.49
CA GLY B 222 39.05 -12.36 32.24
C GLY B 222 37.58 -12.44 31.88
N ASP B 223 37.29 -12.41 30.59
CA ASP B 223 35.92 -12.43 30.11
C ASP B 223 35.99 -12.71 28.62
N THR B 224 34.93 -13.29 28.05
CA THR B 224 34.86 -13.70 26.62
C THR B 224 35.06 -12.51 25.66
N GLN B 225 34.66 -11.27 26.02
CA GLN B 225 34.79 -10.15 25.06
C GLN B 225 36.21 -9.62 25.08
N GLN B 226 37.04 -10.03 26.15
CA GLN B 226 38.46 -9.71 26.04
C GLN B 226 39.13 -10.39 24.86
N VAL B 227 38.46 -11.37 24.24
CA VAL B 227 39.09 -12.15 23.17
C VAL B 227 39.30 -11.23 21.97
N ARG B 228 40.52 -11.28 21.42
CA ARG B 228 40.92 -10.41 20.28
C ARG B 228 40.74 -11.15 18.96
N LEU B 229 40.44 -10.43 17.87
CA LEU B 229 40.21 -11.01 16.51
C LEU B 229 41.16 -10.28 15.55
N SER B 230 41.59 -10.90 14.44
CA SER B 230 42.55 -10.32 13.46
C SER B 230 41.85 -10.10 12.12
N PRO B 231 42.32 -9.23 11.20
CA PRO B 231 41.67 -9.22 9.88
C PRO B 231 41.76 -10.58 9.22
N PRO B 232 40.97 -10.84 8.18
CA PRO B 232 41.14 -12.09 7.44
C PRO B 232 42.48 -12.13 6.72
N PHE B 233 42.99 -13.33 6.50
CA PHE B 233 44.26 -13.49 5.83
C PHE B 233 44.40 -14.88 5.24
N LEU B 234 45.27 -14.97 4.23
CA LEU B 234 45.63 -16.22 3.58
C LEU B 234 47.03 -16.62 4.01
N GLU B 235 47.13 -17.69 4.79
CA GLU B 235 48.44 -18.23 5.15
C GLU B 235 49.12 -18.76 3.90
N CYS B 236 50.45 -18.65 3.88
CA CYS B 236 51.27 -19.14 2.77
C CYS B 236 52.25 -20.20 3.27
N GLN B 237 52.29 -21.33 2.56
CA GLN B 237 53.12 -22.48 2.91
C GLN B 237 53.85 -23.02 1.68
N GLU B 238 55.02 -23.60 1.94
CA GLU B 238 56.13 -23.80 1.00
C GLU B 238 56.18 -22.66 0.00
N GLY B 239 56.19 -21.42 0.49
CA GLY B 239 56.33 -20.28 -0.38
C GLY B 239 55.11 -19.96 -1.25
N ARG B 240 54.04 -20.75 -1.18
CA ARG B 240 52.83 -20.55 -1.97
C ARG B 240 51.68 -20.23 -1.05
N LEU B 241 50.71 -19.48 -1.57
CA LEU B 241 49.57 -19.06 -0.78
C LEU B 241 48.54 -20.18 -0.66
N ARG B 242 48.12 -20.45 0.56
CA ARG B 242 47.14 -21.49 0.82
C ARG B 242 45.74 -20.97 0.49
N PRO B 243 44.94 -21.68 -0.32
CA PRO B 243 43.55 -21.27 -0.48
C PRO B 243 42.78 -21.40 0.83
N GLY B 244 41.79 -20.53 0.99
CA GLY B 244 40.98 -20.50 2.19
C GLY B 244 41.41 -19.44 3.17
N TRP B 245 40.51 -18.51 3.47
CA TRP B 245 40.81 -17.45 4.42
C TRP B 245 40.89 -18.04 5.83
N LEU B 246 41.32 -17.19 6.76
CA LEU B 246 41.50 -17.58 8.15
C LEU B 246 41.32 -16.37 9.03
N ILE B 247 41.14 -16.63 10.32
CA ILE B 247 41.07 -15.57 11.33
C ILE B 247 41.45 -16.17 12.66
N THR B 248 42.31 -15.47 13.39
CA THR B 248 42.85 -15.96 14.67
C THR B 248 42.16 -15.26 15.83
N LEU B 249 41.92 -16.03 16.88
CA LEU B 249 41.41 -15.53 18.15
C LEU B 249 42.45 -15.81 19.22
N SER B 250 42.74 -14.80 20.04
CA SER B 250 43.85 -14.84 20.97
C SER B 250 43.39 -14.41 22.37
N ALA B 251 44.07 -14.96 23.37
CA ALA B 251 43.79 -14.63 24.76
C ALA B 251 45.07 -14.78 25.56
N THR B 252 45.08 -14.16 26.74
CA THR B 252 46.24 -14.10 27.61
C THR B 252 45.85 -14.51 29.02
N PHE B 253 46.73 -15.30 29.64
CA PHE B 253 46.56 -15.73 31.03
C PHE B 253 47.67 -15.17 31.89
N TYR B 254 47.29 -14.63 33.05
CA TYR B 254 48.18 -13.90 33.93
C TYR B 254 48.52 -14.73 35.16
N GLY B 255 49.70 -14.48 35.70
CA GLY B 255 50.18 -15.06 36.93
C GLY B 255 50.03 -14.11 38.09
N LEU B 256 51.02 -14.09 38.97
CA LEU B 256 51.00 -13.19 40.11
C LEU B 256 52.44 -12.92 40.54
N LYS B 257 52.76 -11.65 40.77
CA LYS B 257 54.09 -11.16 41.05
C LYS B 257 54.19 -10.72 42.52
N PRO B 258 55.40 -10.51 43.07
CA PRO B 258 55.54 -10.49 44.54
C PRO B 258 54.83 -9.34 45.23
N ASP B 259 54.58 -8.21 44.57
CA ASP B 259 53.68 -7.20 45.09
C ASP B 259 52.21 -7.53 44.82
N LEU B 260 51.94 -8.63 44.13
CA LEU B 260 50.61 -9.20 43.97
C LEU B 260 49.69 -8.28 43.17
N SER B 261 50.14 -7.93 41.98
CA SER B 261 49.31 -7.44 40.89
C SER B 261 49.67 -8.29 39.67
N PRO B 262 48.77 -8.40 38.70
CA PRO B 262 48.94 -9.42 37.67
C PRO B 262 50.06 -9.10 36.69
N GLU B 263 50.60 -10.17 36.10
CA GLU B 263 51.60 -10.07 35.04
C GLU B 263 51.35 -11.17 34.01
N VAL B 264 51.76 -10.92 32.78
CA VAL B 264 51.55 -11.88 31.70
C VAL B 264 52.42 -13.10 31.91
N ARG B 265 51.96 -14.24 31.38
CA ARG B 265 52.73 -15.47 31.38
C ARG B 265 52.68 -16.26 30.08
N GLY B 266 51.79 -15.92 29.16
CA GLY B 266 51.71 -16.67 27.91
C GLY B 266 50.47 -16.31 27.13
N GLN B 267 50.13 -17.17 26.18
CA GLN B 267 48.99 -16.95 25.32
C GLN B 267 48.44 -18.29 24.85
N VAL B 268 47.18 -18.27 24.42
CA VAL B 268 46.51 -19.42 23.81
C VAL B 268 45.73 -18.90 22.61
N GLN B 269 45.86 -19.59 21.47
CA GLN B 269 45.32 -19.11 20.20
C GLN B 269 44.68 -20.25 19.43
N MET B 270 43.79 -19.87 18.51
CA MET B 270 43.21 -20.79 17.54
C MET B 270 43.00 -20.06 16.23
N ASP B 271 43.19 -20.77 15.12
CA ASP B 271 42.91 -20.27 13.78
C ASP B 271 41.65 -20.92 13.25
N VAL B 272 40.74 -20.09 12.75
CA VAL B 272 39.40 -20.50 12.36
C VAL B 272 39.21 -20.17 10.88
N ASP B 273 38.81 -21.18 10.11
CA ASP B 273 38.47 -20.98 8.71
C ASP B 273 37.07 -20.38 8.59
N LEU B 274 36.89 -19.54 7.57
CA LEU B 274 35.66 -18.76 7.41
C LEU B 274 35.23 -18.69 5.95
N GLN B 275 35.66 -19.62 5.11
CA GLN B 275 35.30 -19.60 3.70
C GLN B 275 33.81 -19.87 3.52
N SER B 276 33.26 -20.81 4.28
CA SER B 276 31.85 -21.17 4.18
C SER B 276 30.92 -20.10 4.73
N VAL B 277 31.44 -19.08 5.42
CA VAL B 277 30.60 -18.05 6.00
C VAL B 277 30.14 -17.10 4.91
N ASP B 278 28.83 -16.97 4.74
CA ASP B 278 28.28 -16.16 3.68
C ASP B 278 28.33 -14.68 4.05
N ILE B 279 28.72 -13.86 3.09
CA ILE B 279 28.72 -12.41 3.24
C ILE B 279 27.38 -11.89 2.75
N ASN B 280 26.73 -11.08 3.59
CA ASN B 280 25.57 -10.30 3.20
C ASN B 280 26.01 -8.86 3.11
N GLN B 281 25.92 -8.29 1.90
CA GLN B 281 26.45 -6.98 1.59
C GLN B 281 25.37 -5.92 1.42
N CYS B 282 24.13 -6.33 1.13
CA CYS B 282 23.03 -5.37 1.01
C CYS B 282 22.60 -4.86 2.38
N ALA B 283 22.45 -5.76 3.33
CA ALA B 283 21.90 -5.44 4.64
C ALA B 283 23.00 -4.89 5.54
N SER B 284 22.71 -4.79 6.84
CA SER B 284 23.66 -4.38 7.85
C SER B 284 23.69 -5.41 8.97
N GLY B 285 24.34 -5.10 10.08
CA GLY B 285 24.43 -5.98 11.22
C GLY B 285 25.77 -6.66 11.30
N PRO B 286 25.91 -7.65 12.19
CA PRO B 286 27.22 -8.29 12.35
C PRO B 286 27.56 -9.24 11.23
N GLY B 287 28.45 -8.81 10.35
CA GLY B 287 29.04 -9.63 9.32
C GLY B 287 30.50 -9.27 9.24
N TRP B 288 31.08 -9.23 8.04
CA TRP B 288 32.37 -8.60 7.82
C TRP B 288 32.27 -7.41 6.88
N TYR B 289 31.79 -7.61 5.65
CA TYR B 289 31.57 -6.54 4.70
C TYR B 289 30.08 -6.23 4.76
N SER B 290 29.70 -5.37 5.71
CA SER B 290 28.30 -5.24 6.08
C SER B 290 27.53 -4.45 5.03
N ASN B 291 27.89 -3.18 4.85
CA ASN B 291 27.19 -2.27 3.95
C ASN B 291 28.25 -1.50 3.17
N THR B 292 28.52 -2.04 1.97
CA THR B 292 29.53 -1.42 1.08
C THR B 292 29.08 -1.62 -0.37
N HIS B 293 27.77 -1.80 -0.61
CA HIS B 293 27.28 -1.97 -1.97
C HIS B 293 27.28 -0.64 -2.71
N LEU B 294 27.13 -0.75 -4.02
CA LEU B 294 27.24 0.38 -4.93
C LEU B 294 25.90 0.97 -5.33
N CYS B 295 24.80 0.21 -5.18
CA CYS B 295 23.50 0.64 -5.66
C CYS B 295 22.90 1.67 -4.70
N ASP B 296 22.54 2.83 -5.25
CA ASP B 296 21.95 3.90 -4.45
C ASP B 296 20.47 3.66 -4.24
N LEU B 297 19.99 3.96 -3.04
CA LEU B 297 18.58 3.80 -2.69
C LEU B 297 17.82 5.10 -2.99
N ASN B 298 17.86 5.49 -4.26
CA ASN B 298 16.99 6.50 -4.84
C ASN B 298 16.17 5.97 -6.00
N SER B 299 16.76 5.10 -6.84
CA SER B 299 16.09 4.45 -7.94
C SER B 299 16.11 2.93 -7.84
N THR B 300 16.93 2.34 -6.97
CA THR B 300 17.14 0.91 -6.89
C THR B 300 17.02 0.42 -5.46
N GLN B 301 16.71 -0.86 -5.30
CA GLN B 301 16.66 -1.54 -4.02
C GLN B 301 17.60 -2.73 -4.04
N CYS B 302 18.39 -2.89 -2.98
CA CYS B 302 19.44 -3.90 -2.93
C CYS B 302 18.85 -5.26 -2.56
N VAL B 303 19.19 -6.27 -3.37
CA VAL B 303 18.68 -7.63 -3.21
C VAL B 303 19.86 -8.59 -3.14
N PRO B 304 20.28 -9.06 -1.97
CA PRO B 304 21.48 -9.91 -1.92
C PRO B 304 21.17 -11.35 -2.30
N LEU B 305 21.97 -11.89 -3.21
CA LEU B 305 21.96 -13.32 -3.47
C LEU B 305 22.61 -14.07 -2.30
N GLU B 306 22.15 -15.30 -2.09
CA GLU B 306 22.53 -16.11 -0.93
C GLU B 306 23.03 -17.47 -1.40
N SER B 307 23.40 -18.32 -0.44
CA SER B 307 23.89 -19.67 -0.69
C SER B 307 25.25 -19.65 -1.38
N GLN B 308 26.17 -18.84 -0.85
CA GLN B 308 27.53 -18.73 -1.36
C GLN B 308 28.47 -18.60 -0.18
N GLY B 309 29.77 -18.55 -0.47
CA GLY B 309 30.81 -18.52 0.53
C GLY B 309 31.23 -17.13 0.91
N PHE B 310 32.51 -16.99 1.25
CA PHE B 310 33.11 -15.72 1.65
C PHE B 310 33.60 -14.97 0.41
N VAL B 311 32.65 -14.71 -0.48
CA VAL B 311 32.90 -14.11 -1.80
C VAL B 311 32.18 -12.77 -1.86
N LEU B 312 32.86 -11.78 -2.41
CA LEU B 312 32.41 -10.41 -2.46
C LEU B 312 31.87 -10.07 -3.85
N GLY B 313 31.00 -9.07 -3.88
CA GLY B 313 30.46 -8.58 -5.12
C GLY B 313 29.28 -9.33 -5.69
N ARG B 314 28.71 -10.28 -4.94
CA ARG B 314 27.64 -11.14 -5.44
C ARG B 314 26.31 -10.59 -4.94
N TYR B 315 25.76 -9.64 -5.69
CA TYR B 315 24.47 -9.06 -5.39
C TYR B 315 23.97 -8.32 -6.62
N LEU B 316 22.65 -8.16 -6.69
CA LEU B 316 21.99 -7.34 -7.68
C LEU B 316 21.16 -6.29 -6.97
N CYS B 317 20.61 -5.36 -7.75
CA CYS B 317 19.79 -4.29 -7.18
C CYS B 317 18.77 -3.87 -8.24
N ARG B 318 17.54 -4.34 -8.09
CA ARG B 318 16.49 -4.03 -9.04
C ARG B 318 16.02 -2.59 -8.88
N CYS B 319 15.56 -2.01 -9.99
CA CYS B 319 14.95 -0.70 -9.96
C CYS B 319 13.58 -0.79 -9.30
N ARG B 320 13.34 0.07 -8.33
CA ARG B 320 12.06 0.09 -7.64
C ARG B 320 10.98 0.66 -8.57
N PRO B 321 9.70 0.43 -8.27
CA PRO B 321 8.64 0.82 -9.22
C PRO B 321 8.59 2.31 -9.55
N GLY B 322 9.07 3.17 -8.67
CA GLY B 322 9.05 4.60 -8.93
C GLY B 322 9.91 4.99 -10.11
N PHE B 323 11.23 4.88 -9.94
CA PHE B 323 12.18 5.09 -11.03
C PHE B 323 12.52 3.74 -11.66
N TYR B 324 11.50 3.17 -12.29
CA TYR B 324 11.55 1.85 -12.92
C TYR B 324 11.81 1.97 -14.41
N GLY B 325 12.70 2.89 -14.79
CA GLY B 325 13.08 3.05 -16.21
C GLY B 325 13.75 1.80 -16.72
N ALA B 326 14.36 1.01 -15.84
CA ALA B 326 15.03 -0.26 -16.21
C ALA B 326 16.12 0.00 -17.24
N SER B 327 16.68 1.21 -17.26
CA SER B 327 17.77 1.59 -18.22
C SER B 327 19.02 0.72 -17.97
N PRO B 328 19.50 0.54 -16.72
CA PRO B 328 20.69 -0.24 -16.44
C PRO B 328 20.34 -1.72 -16.24
N SER B 329 19.76 -2.35 -17.27
CA SER B 329 19.39 -3.80 -17.19
C SER B 329 18.30 -4.00 -16.12
N GLY B 330 17.63 -2.90 -15.73
CA GLY B 330 16.58 -2.99 -14.68
C GLY B 330 17.15 -3.53 -13.39
N GLY B 331 18.45 -3.36 -13.17
CA GLY B 331 19.11 -3.85 -11.94
C GLY B 331 18.93 -5.35 -11.75
N LEU B 332 18.91 -6.11 -12.84
CA LEU B 332 18.77 -7.58 -12.75
C LEU B 332 17.50 -7.93 -11.98
N GLY B 351 27.23 4.75 -4.99
CA GLY B 351 26.63 5.83 -5.76
C GLY B 351 26.68 5.60 -7.24
N ARG B 352 26.45 4.35 -7.64
CA ARG B 352 26.41 3.98 -9.05
C ARG B 352 25.39 2.85 -9.20
N LEU B 353 25.19 2.41 -10.44
CA LEU B 353 24.15 1.44 -10.79
C LEU B 353 22.77 1.95 -10.35
N LEU B 354 22.57 3.27 -10.41
CA LEU B 354 21.34 3.94 -10.00
C LEU B 354 20.67 4.64 -11.16
N GLN B 355 21.07 4.35 -12.40
CA GLN B 355 20.63 5.10 -13.56
C GLN B 355 19.36 4.53 -14.17
N CYS B 356 18.52 3.87 -13.37
CA CYS B 356 17.19 3.52 -13.82
C CYS B 356 16.44 4.80 -14.14
N LEU B 357 15.95 4.90 -15.37
CA LEU B 357 15.53 6.20 -15.89
C LEU B 357 14.30 6.68 -15.11
N PRO B 358 14.29 7.94 -14.59
CA PRO B 358 13.09 8.38 -13.87
C PRO B 358 11.86 8.45 -14.76
N CYS B 359 10.93 7.54 -14.54
CA CYS B 359 9.79 7.38 -15.43
C CYS B 359 8.89 8.62 -15.31
N PRO B 360 8.61 9.34 -16.40
CA PRO B 360 7.71 10.52 -16.29
C PRO B 360 6.29 10.18 -15.84
N GLU B 361 5.88 8.93 -15.92
CA GLU B 361 4.54 8.50 -15.58
C GLU B 361 4.66 7.10 -15.00
N GLY B 362 3.57 6.36 -14.98
CA GLY B 362 3.65 4.94 -14.77
C GLY B 362 3.95 4.14 -16.01
N CYS B 363 4.18 4.78 -17.16
CA CYS B 363 4.41 4.09 -18.43
C CYS B 363 5.50 4.68 -19.30
N THR B 364 5.84 5.96 -19.17
CA THR B 364 6.57 6.66 -20.22
C THR B 364 7.98 6.13 -20.42
N SER B 365 8.58 5.54 -19.39
CA SER B 365 9.80 4.75 -19.55
C SER B 365 9.84 3.49 -18.70
N CYS B 366 8.78 3.19 -17.95
CA CYS B 366 8.73 2.09 -17.00
C CYS B 366 7.65 1.08 -17.33
N MET B 367 8.05 -0.20 -17.34
CA MET B 367 7.43 -1.34 -18.04
C MET B 367 7.58 -1.32 -19.56
N ASP B 368 8.08 -0.22 -20.13
CA ASP B 368 8.43 -0.13 -21.53
C ASP B 368 9.01 1.26 -21.74
N ALA B 369 9.89 1.42 -22.72
CA ALA B 369 10.49 2.72 -23.02
C ALA B 369 9.63 3.58 -23.94
N THR B 370 8.32 3.29 -24.04
CA THR B 370 7.36 4.02 -24.85
C THR B 370 6.14 4.32 -23.99
N PRO B 371 5.33 5.31 -24.36
CA PRO B 371 4.25 5.77 -23.48
C PRO B 371 2.96 4.98 -23.60
N CYS B 372 2.07 5.20 -22.63
CA CYS B 372 0.73 4.65 -22.57
C CYS B 372 -0.27 5.73 -23.00
N LEU B 373 -1.55 5.36 -23.00
CA LEU B 373 -2.61 6.28 -23.40
C LEU B 373 -2.69 7.47 -22.44
N VAL B 374 -3.20 8.59 -22.96
CA VAL B 374 -3.33 9.80 -22.16
C VAL B 374 -4.51 9.67 -21.21
N GLU B 375 -4.51 10.50 -20.17
CA GLU B 375 -5.53 10.41 -19.13
C GLU B 375 -6.90 10.80 -19.68
N GLU B 376 -7.93 10.26 -19.04
CA GLU B 376 -9.34 10.39 -19.43
C GLU B 376 -10.07 11.25 -18.41
N ALA B 377 -11.34 11.51 -18.65
CA ALA B 377 -12.21 12.18 -17.69
C ALA B 377 -13.63 11.67 -17.89
N ALA B 378 -14.44 11.82 -16.84
CA ALA B 378 -15.81 11.34 -16.87
C ALA B 378 -16.84 12.44 -16.57
N VAL B 379 -16.39 13.64 -16.23
CA VAL B 379 -17.30 14.76 -15.99
C VAL B 379 -17.50 15.59 -17.25
N LEU B 380 -16.43 15.90 -17.96
CA LEU B 380 -16.54 16.60 -19.23
C LEU B 380 -17.28 15.77 -20.26
N ARG B 381 -16.94 14.48 -20.36
CA ARG B 381 -17.47 13.64 -21.42
C ARG B 381 -18.97 13.46 -21.30
N ALA B 382 -19.43 13.07 -20.11
CA ALA B 382 -20.86 12.86 -19.90
C ALA B 382 -21.63 14.17 -20.04
N ALA B 383 -21.06 15.27 -19.57
CA ALA B 383 -21.73 16.56 -19.67
C ALA B 383 -21.94 16.95 -21.13
N VAL B 384 -20.90 16.80 -21.95
CA VAL B 384 -21.01 17.16 -23.36
C VAL B 384 -21.99 16.22 -24.06
N LEU B 385 -21.96 14.94 -23.71
CA LEU B 385 -22.90 13.99 -24.32
C LEU B 385 -24.34 14.33 -23.98
N ALA B 386 -24.61 14.68 -22.72
CA ALA B 386 -25.96 15.05 -22.34
C ALA B 386 -26.40 16.33 -23.03
N CYS B 387 -25.50 17.32 -23.12
CA CYS B 387 -25.85 18.56 -23.77
C CYS B 387 -26.13 18.36 -25.26
N GLN B 388 -25.47 17.39 -25.88
CA GLN B 388 -25.77 17.05 -27.27
C GLN B 388 -27.11 16.31 -27.39
N ALA B 389 -27.34 15.36 -26.49
CA ALA B 389 -28.58 14.59 -26.53
C ALA B 389 -29.80 15.46 -26.30
N CYS B 390 -29.62 16.59 -25.59
CA CYS B 390 -30.69 17.57 -25.48
C CYS B 390 -31.18 18.01 -26.86
N CYS B 391 -30.24 18.45 -27.70
CA CYS B 391 -30.60 18.93 -29.04
C CYS B 391 -31.12 17.79 -29.89
N MET B 392 -30.54 16.60 -29.73
CA MET B 392 -31.03 15.44 -30.47
C MET B 392 -32.49 15.15 -30.17
N LEU B 393 -32.84 15.11 -28.88
CA LEU B 393 -34.22 14.85 -28.51
C LEU B 393 -35.14 15.99 -28.94
N ALA B 394 -34.65 17.24 -28.88
CA ALA B 394 -35.48 18.36 -29.28
C ALA B 394 -35.83 18.31 -30.76
N ILE B 395 -34.82 18.07 -31.60
CA ILE B 395 -35.09 18.03 -33.04
C ILE B 395 -35.92 16.80 -33.41
N PHE B 396 -35.70 15.67 -32.74
CA PHE B 396 -36.54 14.51 -32.99
C PHE B 396 -37.98 14.77 -32.57
N LEU B 397 -38.17 15.47 -31.45
CA LEU B 397 -39.51 15.85 -31.02
C LEU B 397 -40.16 16.76 -32.06
N SER B 398 -39.41 17.70 -32.61
CA SER B 398 -39.96 18.60 -33.63
C SER B 398 -40.40 17.82 -34.86
N MET B 399 -39.57 16.88 -35.31
CA MET B 399 -39.92 16.09 -36.48
C MET B 399 -41.12 15.20 -36.22
N LEU B 400 -41.16 14.56 -35.05
CA LEU B 400 -42.26 13.66 -34.71
C LEU B 400 -43.58 14.42 -34.57
N VAL B 401 -43.54 15.60 -33.94
CA VAL B 401 -44.75 16.37 -33.74
C VAL B 401 -45.22 17.02 -35.05
N SER B 402 -44.29 17.35 -35.93
CA SER B 402 -44.63 17.98 -37.20
C SER B 402 -45.09 16.99 -38.27
N TYR B 403 -45.08 15.68 -37.98
CA TYR B 403 -45.58 14.71 -38.93
C TYR B 403 -47.07 14.90 -39.17
N ARG B 404 -47.88 14.92 -38.11
CA ARG B 404 -49.36 14.88 -38.27
C ARG B 404 -50.03 16.25 -38.46
N CYS B 405 -49.43 17.36 -38.06
CA CYS B 405 -50.16 18.63 -38.10
C CYS B 405 -50.15 19.32 -39.48
N ARG B 406 -49.90 18.51 -40.52
CA ARG B 406 -49.99 19.01 -41.93
C ARG B 406 -50.69 17.91 -42.72
N ARG B 407 -50.55 16.64 -42.31
CA ARG B 407 -51.18 15.49 -43.01
C ARG B 407 -52.70 15.68 -43.04
N ASN B 408 -53.33 16.02 -41.91
CA ASN B 408 -54.78 16.17 -41.85
C ASN B 408 -55.28 17.33 -42.69
N LYS B 409 -54.41 18.26 -43.08
CA LYS B 409 -54.80 19.41 -43.88
C LYS B 409 -54.98 19.02 -45.34
N GLY B 415 -44.73 23.27 -47.02
CA GLY B 415 -44.07 22.08 -47.53
C GLY B 415 -43.59 21.16 -46.42
N VAL B 416 -44.35 20.11 -46.16
CA VAL B 416 -44.00 19.17 -45.10
C VAL B 416 -42.74 18.40 -45.46
N VAL B 417 -42.59 18.04 -46.74
CA VAL B 417 -41.45 17.23 -47.15
C VAL B 417 -40.15 18.03 -47.02
N LEU B 418 -40.19 19.31 -47.40
CA LEU B 418 -39.02 20.16 -47.23
C LEU B 418 -38.67 20.32 -45.77
N LEU B 419 -39.67 20.51 -44.91
CA LEU B 419 -39.42 20.70 -43.49
C LEU B 419 -38.78 19.47 -42.87
N GLU B 420 -39.35 18.29 -43.11
CA GLU B 420 -38.79 17.08 -42.52
C GLU B 420 -37.42 16.76 -43.12
N THR B 421 -37.20 17.07 -44.40
CA THR B 421 -35.89 16.81 -45.00
C THR B 421 -34.82 17.70 -44.37
N VAL B 422 -35.11 18.99 -44.18
CA VAL B 422 -34.14 19.88 -43.56
C VAL B 422 -33.90 19.51 -42.10
N LEU B 423 -34.96 19.10 -41.40
CA LEU B 423 -34.78 18.68 -40.02
C LEU B 423 -33.93 17.40 -39.94
N PHE B 424 -34.12 16.49 -40.89
CA PHE B 424 -33.27 15.31 -40.95
C PHE B 424 -31.83 15.68 -41.25
N GLY B 425 -31.62 16.71 -42.08
CA GLY B 425 -30.27 17.17 -42.34
C GLY B 425 -29.59 17.72 -41.09
N PHE B 426 -30.33 18.52 -40.31
CA PHE B 426 -29.75 19.03 -39.07
C PHE B 426 -29.48 17.91 -38.07
N LEU B 427 -30.40 16.95 -37.95
CA LEU B 427 -30.15 15.75 -37.16
C LEU B 427 -28.89 15.05 -37.62
N LEU B 428 -28.72 14.92 -38.94
CA LEU B 428 -27.53 14.32 -39.51
C LEU B 428 -26.26 15.11 -39.24
N LEU B 429 -26.36 16.43 -39.04
CA LEU B 429 -25.20 17.23 -38.67
C LEU B 429 -24.90 17.22 -37.18
N TYR B 430 -25.86 16.85 -36.34
CA TYR B 430 -25.62 16.79 -34.90
C TYR B 430 -24.98 15.49 -34.43
N PHE B 431 -24.83 14.49 -35.31
CA PHE B 431 -24.12 13.27 -34.93
C PHE B 431 -22.65 13.47 -34.52
N PRO B 432 -21.79 14.15 -35.30
CA PRO B 432 -20.35 13.81 -35.28
C PRO B 432 -19.65 13.86 -33.93
N VAL B 433 -20.06 14.76 -33.03
CA VAL B 433 -19.51 14.74 -31.68
C VAL B 433 -19.95 13.50 -30.92
N PHE B 434 -21.17 13.01 -31.15
CA PHE B 434 -21.56 11.73 -30.59
C PHE B 434 -20.74 10.60 -31.19
N ILE B 435 -20.45 10.69 -32.50
CA ILE B 435 -19.64 9.67 -33.14
C ILE B 435 -18.20 9.75 -32.64
N LEU B 436 -17.69 10.96 -32.44
CA LEU B 436 -16.38 11.17 -31.85
C LEU B 436 -16.53 11.24 -30.33
N TYR B 437 -16.97 10.11 -29.77
CA TYR B 437 -16.94 9.89 -28.33
C TYR B 437 -16.43 8.51 -27.93
N PHE B 438 -16.67 7.47 -28.73
CA PHE B 438 -16.30 6.11 -28.38
C PHE B 438 -14.87 5.84 -28.86
N LYS B 439 -14.43 4.59 -28.76
CA LYS B 439 -13.13 4.19 -29.25
C LYS B 439 -13.08 4.33 -30.77
N PRO B 440 -11.89 4.52 -31.34
CA PRO B 440 -11.81 4.73 -32.79
C PRO B 440 -11.84 3.43 -33.59
N SER B 441 -12.44 3.54 -34.77
CA SER B 441 -12.48 2.44 -35.73
C SER B 441 -12.58 3.05 -37.11
N VAL B 442 -12.03 2.33 -38.11
CA VAL B 442 -12.04 2.83 -39.48
C VAL B 442 -13.48 3.00 -39.97
N PHE B 443 -14.37 2.09 -39.55
CA PHE B 443 -15.79 2.25 -39.84
C PHE B 443 -16.33 3.50 -39.18
N ARG B 444 -15.90 3.79 -37.96
CA ARG B 444 -16.37 4.98 -37.27
C ARG B 444 -15.86 6.25 -37.93
N CYS B 445 -14.59 6.27 -38.35
CA CYS B 445 -14.04 7.46 -39.00
C CYS B 445 -14.74 7.73 -40.33
N ILE B 446 -14.89 6.68 -41.15
CA ILE B 446 -15.54 6.89 -42.44
C ILE B 446 -17.01 7.26 -42.23
N ALA B 447 -17.67 6.70 -41.21
CA ALA B 447 -19.04 7.07 -40.91
C ALA B 447 -19.15 8.53 -40.50
N LEU B 448 -18.17 9.01 -39.74
CA LEU B 448 -18.14 10.44 -39.40
C LEU B 448 -18.08 11.29 -40.66
N ARG B 449 -17.20 10.92 -41.59
CA ARG B 449 -17.11 11.68 -42.87
C ARG B 449 -18.47 11.58 -43.58
N TRP B 450 -19.03 10.38 -43.70
CA TRP B 450 -20.33 10.17 -44.33
C TRP B 450 -21.36 11.16 -43.82
N VAL B 451 -21.60 11.14 -42.50
CA VAL B 451 -22.67 11.96 -41.93
C VAL B 451 -22.38 13.44 -42.11
N ARG B 452 -21.11 13.82 -41.91
CA ARG B 452 -20.68 15.24 -42.02
C ARG B 452 -20.93 15.78 -43.44
N LEU B 453 -20.52 15.06 -44.47
CA LEU B 453 -20.62 15.57 -45.84
C LEU B 453 -22.06 15.50 -46.35
N LEU B 454 -22.77 14.40 -46.07
CA LEU B 454 -24.16 14.32 -46.51
C LEU B 454 -25.03 15.37 -45.82
N GLY B 455 -24.78 15.61 -44.52
CA GLY B 455 -25.55 16.63 -43.83
C GLY B 455 -25.35 18.01 -44.41
N PHE B 456 -24.08 18.37 -44.68
CA PHE B 456 -23.81 19.67 -45.29
C PHE B 456 -24.47 19.77 -46.66
N ALA B 457 -24.36 18.70 -47.45
CA ALA B 457 -24.91 18.72 -48.80
C ALA B 457 -26.42 18.91 -48.79
N ILE B 458 -27.11 18.28 -47.83
CA ILE B 458 -28.57 18.36 -47.82
C ILE B 458 -29.10 19.64 -47.16
N VAL B 459 -28.38 20.20 -46.18
CA VAL B 459 -28.90 21.39 -45.50
C VAL B 459 -28.48 22.66 -46.24
N TYR B 460 -27.17 22.78 -46.53
CA TYR B 460 -26.62 23.99 -47.22
C TYR B 460 -27.10 23.99 -48.66
N GLY B 461 -27.45 22.82 -49.24
CA GLY B 461 -28.02 22.80 -50.56
C GLY B 461 -29.32 23.58 -50.64
N THR B 462 -30.22 23.37 -49.67
CA THR B 462 -31.51 24.07 -49.69
C THR B 462 -31.33 25.57 -49.53
N ILE B 463 -30.38 25.98 -48.68
CA ILE B 463 -30.10 27.39 -48.42
C ILE B 463 -29.73 28.08 -49.73
N ILE B 464 -28.82 27.46 -50.48
CA ILE B 464 -28.32 28.11 -51.68
C ILE B 464 -29.30 27.94 -52.83
N LEU B 465 -30.11 26.87 -52.82
CA LEU B 465 -31.13 26.64 -53.88
C LEU B 465 -32.19 27.74 -53.78
N LYS B 466 -32.55 28.15 -52.56
CA LYS B 466 -33.56 29.22 -52.34
C LYS B 466 -32.91 30.58 -52.59
N LEU B 467 -31.61 30.72 -52.33
CA LEU B 467 -30.89 31.96 -52.55
C LEU B 467 -30.75 32.27 -54.04
N TYR B 468 -30.18 31.33 -54.82
CA TYR B 468 -29.98 31.63 -56.23
C TYR B 468 -31.29 31.56 -57.00
N ARG B 469 -32.32 30.90 -56.46
CA ARG B 469 -33.63 30.97 -57.16
C ARG B 469 -34.14 32.41 -57.05
N VAL B 470 -34.02 33.00 -55.85
CA VAL B 470 -34.44 34.39 -55.68
C VAL B 470 -33.64 35.30 -56.59
N LEU B 471 -32.32 35.10 -56.65
CA LEU B 471 -31.52 35.95 -57.53
C LEU B 471 -31.78 35.67 -59.01
N GLN B 472 -32.29 34.49 -59.35
CA GLN B 472 -32.59 34.15 -60.73
C GLN B 472 -33.99 34.58 -61.16
N LEU B 473 -34.85 35.00 -60.21
CA LEU B 473 -36.19 35.48 -60.54
C LEU B 473 -36.48 36.91 -60.05
N PHE B 474 -35.40 37.52 -59.43
CA PHE B 474 -35.50 38.91 -58.87
C PHE B 474 -35.59 39.90 -60.03
N LEU B 475 -34.59 39.91 -60.91
CA LEU B 475 -34.59 40.83 -62.08
C LEU B 475 -33.76 40.21 -63.21
N SER B 476 -33.63 38.88 -63.20
CA SER B 476 -32.81 38.17 -64.23
C SER B 476 -33.63 37.04 -64.86
N SER B 482 -42.33 29.81 -63.97
CA SER B 482 -40.98 29.21 -63.89
C SER B 482 -40.62 28.92 -62.43
N ALA B 483 -41.14 27.83 -61.87
CA ALA B 483 -40.84 27.45 -60.47
C ALA B 483 -41.03 28.66 -59.56
N LEU B 484 -42.09 29.44 -59.78
CA LEU B 484 -42.38 30.62 -58.97
C LEU B 484 -42.19 30.34 -57.48
N LEU B 485 -42.74 29.21 -57.01
CA LEU B 485 -42.43 28.65 -55.70
C LEU B 485 -41.70 27.33 -55.77
N SER B 486 -41.61 26.72 -56.97
CA SER B 486 -40.85 25.56 -57.38
C SER B 486 -41.46 24.24 -56.94
N SER B 487 -42.44 24.23 -56.02
CA SER B 487 -43.49 23.23 -55.82
C SER B 487 -43.11 21.78 -56.15
N GLY B 488 -41.94 21.33 -55.69
CA GLY B 488 -41.42 20.00 -55.97
C GLY B 488 -40.13 20.00 -56.77
N ARG B 489 -39.93 21.02 -57.62
CA ARG B 489 -38.68 21.15 -58.36
C ARG B 489 -37.48 21.29 -57.43
N LEU B 490 -37.70 21.85 -56.23
CA LEU B 490 -36.64 21.89 -55.23
C LEU B 490 -36.18 20.49 -54.87
N LEU B 491 -37.12 19.56 -54.70
CA LEU B 491 -36.76 18.17 -54.43
C LEU B 491 -36.01 17.55 -55.60
N ARG B 492 -36.41 17.92 -56.82
CA ARG B 492 -35.74 17.38 -58.01
C ARG B 492 -34.29 17.81 -58.06
N ARG B 493 -34.06 19.11 -57.85
CA ARG B 493 -32.69 19.70 -57.85
C ARG B 493 -31.91 19.16 -56.66
N LEU B 494 -32.58 18.85 -55.54
CA LEU B 494 -31.93 18.26 -54.38
C LEU B 494 -31.45 16.85 -54.69
N GLY B 495 -32.25 16.05 -55.39
CA GLY B 495 -31.80 14.74 -55.82
C GLY B 495 -30.65 14.81 -56.81
N LEU B 496 -30.73 15.78 -57.73
CA LEU B 496 -29.66 15.98 -58.71
C LEU B 496 -28.34 16.30 -58.03
N LEU B 497 -28.39 17.02 -56.91
CA LEU B 497 -27.19 17.31 -56.13
C LEU B 497 -26.84 16.20 -55.15
N LEU B 498 -27.80 15.34 -54.80
CA LEU B 498 -27.57 14.32 -53.78
C LEU B 498 -26.90 13.08 -54.36
N LEU B 499 -27.33 12.68 -55.56
CA LEU B 499 -26.77 11.42 -56.15
C LEU B 499 -25.27 11.61 -56.39
N PRO B 500 -24.81 12.67 -57.08
CA PRO B 500 -23.39 12.91 -57.23
C PRO B 500 -22.67 12.88 -55.88
N VAL B 501 -23.16 13.65 -54.91
CA VAL B 501 -22.41 13.71 -53.62
C VAL B 501 -22.34 12.29 -53.06
N LEU B 502 -23.45 11.54 -53.17
CA LEU B 502 -23.48 10.18 -52.57
C LEU B 502 -22.32 9.34 -53.13
N GLY B 503 -22.12 9.37 -54.45
CA GLY B 503 -21.07 8.54 -55.08
C GLY B 503 -19.68 8.88 -54.55
N PHE B 504 -19.36 10.18 -54.50
CA PHE B 504 -18.01 10.58 -54.07
C PHE B 504 -17.70 9.87 -52.75
N LEU B 505 -18.64 9.94 -51.80
CA LEU B 505 -18.42 9.32 -50.48
C LEU B 505 -18.12 7.83 -50.69
N ALA B 506 -18.92 7.17 -51.52
CA ALA B 506 -18.75 5.71 -51.71
C ALA B 506 -17.37 5.39 -52.28
N VAL B 507 -17.08 5.82 -53.50
CA VAL B 507 -15.78 5.44 -54.12
C VAL B 507 -14.66 5.61 -53.08
N TRP B 508 -14.49 6.82 -52.55
CA TRP B 508 -13.38 6.96 -51.62
C TRP B 508 -13.51 6.00 -50.45
N THR B 509 -14.73 5.80 -49.96
CA THR B 509 -14.96 4.82 -48.89
C THR B 509 -14.49 3.45 -49.32
N VAL B 510 -14.89 3.02 -50.53
CA VAL B 510 -14.49 1.71 -51.05
C VAL B 510 -12.97 1.60 -51.11
N GLY B 511 -12.34 2.52 -51.82
CA GLY B 511 -10.90 2.41 -52.06
C GLY B 511 -10.08 2.53 -50.77
N ALA B 512 -10.35 3.58 -50.00
CA ALA B 512 -9.58 3.82 -48.78
C ALA B 512 -9.81 2.73 -47.75
N LEU B 513 -11.05 2.26 -47.59
CA LEU B 513 -11.31 1.20 -46.62
C LEU B 513 -10.62 -0.09 -47.01
N GLU B 514 -10.68 -0.44 -48.30
CA GLU B 514 -10.04 -1.67 -48.74
C GLU B 514 -8.52 -1.61 -48.54
N ARG B 515 -7.91 -0.51 -48.98
CA ARG B 515 -6.45 -0.42 -48.86
C ARG B 515 -6.01 -0.30 -47.41
N GLY B 516 -6.79 0.40 -46.58
CA GLY B 516 -6.43 0.54 -45.18
C GLY B 516 -6.52 -0.77 -44.41
N ILE B 517 -7.63 -1.50 -44.60
CA ILE B 517 -7.82 -2.76 -43.87
C ILE B 517 -7.08 -3.92 -44.49
N GLN B 518 -6.52 -3.77 -45.71
CA GLN B 518 -5.79 -4.85 -46.37
C GLN B 518 -4.29 -4.81 -46.07
N HIS B 519 -3.61 -3.73 -46.52
CA HIS B 519 -2.14 -3.53 -46.33
C HIS B 519 -1.89 -2.26 -45.52
N ALA B 520 -2.91 -1.44 -45.27
CA ALA B 520 -2.82 -0.25 -44.40
C ALA B 520 -1.73 0.72 -44.82
N PRO B 521 -1.87 1.46 -45.95
CA PRO B 521 -0.90 2.49 -46.26
C PRO B 521 -1.10 3.45 -45.09
N LEU B 522 -2.31 3.56 -44.53
CA LEU B 522 -2.57 4.38 -43.32
C LEU B 522 -3.41 3.56 -42.34
N VAL B 523 -3.17 3.70 -41.04
CA VAL B 523 -3.92 2.97 -39.96
C VAL B 523 -4.38 3.96 -38.90
N ILE B 524 -5.20 3.51 -37.95
CA ILE B 524 -5.58 4.36 -36.79
C ILE B 524 -4.29 4.48 -35.98
N ARG B 525 -3.60 5.63 -35.95
CA ARG B 525 -2.27 5.72 -35.24
C ARG B 525 -2.00 7.15 -34.83
N GLY B 526 -1.80 7.31 -33.52
CA GLY B 526 -1.65 8.65 -32.97
C GLY B 526 -0.58 8.66 -31.93
N HIS B 527 -0.01 9.84 -31.71
CA HIS B 527 1.01 10.04 -30.68
C HIS B 527 1.25 11.53 -30.48
N THR B 528 1.20 12.01 -29.23
CA THR B 528 1.44 13.42 -28.97
C THR B 528 2.95 13.71 -29.03
N PRO B 529 3.35 14.92 -29.43
CA PRO B 529 4.76 15.32 -29.25
C PRO B 529 5.08 15.83 -27.86
N SER B 530 4.08 15.98 -26.98
CA SER B 530 4.30 16.47 -25.62
C SER B 530 4.58 15.35 -24.61
N GLY B 531 4.48 14.08 -25.03
CA GLY B 531 4.84 12.95 -24.18
C GLY B 531 3.70 12.02 -23.84
N ARG B 532 2.78 11.84 -24.77
CA ARG B 532 1.58 11.01 -24.54
C ARG B 532 1.33 10.15 -25.77
N HIS B 533 0.28 9.35 -25.76
CA HIS B 533 -0.10 8.47 -26.84
C HIS B 533 -1.62 8.41 -26.93
N PHE B 534 -2.11 8.16 -28.14
CA PHE B 534 -3.54 8.04 -28.40
C PHE B 534 -3.73 7.43 -29.78
N TYR B 535 -4.99 7.14 -30.12
CA TYR B 535 -5.38 6.58 -31.44
C TYR B 535 -6.24 7.63 -32.15
N LEU B 536 -6.09 7.82 -33.46
CA LEU B 536 -6.76 8.86 -34.21
C LEU B 536 -6.95 8.43 -35.65
N CYS B 537 -7.96 9.03 -36.29
CA CYS B 537 -8.24 8.81 -37.70
C CYS B 537 -7.30 9.68 -38.53
N HIS B 538 -6.76 9.10 -39.60
CA HIS B 538 -5.77 9.77 -40.44
C HIS B 538 -6.45 10.72 -41.43
N HIS B 539 -5.66 11.64 -41.98
CA HIS B 539 -6.11 12.65 -42.94
C HIS B 539 -5.38 12.43 -44.26
N ASP B 540 -6.05 12.80 -45.35
CA ASP B 540 -5.63 12.43 -46.70
C ASP B 540 -5.84 13.57 -47.67
N ARG B 541 -5.23 13.43 -48.85
CA ARG B 541 -5.44 14.39 -49.93
C ARG B 541 -6.90 14.41 -50.38
N TRP B 542 -7.56 13.27 -50.21
CA TRP B 542 -8.98 13.08 -50.61
C TRP B 542 -9.86 13.79 -49.59
N ASP B 543 -9.33 14.06 -48.41
CA ASP B 543 -10.05 14.83 -47.36
C ASP B 543 -9.77 16.31 -47.62
N TYR B 544 -8.70 16.63 -48.35
CA TYR B 544 -8.38 18.02 -48.73
C TYR B 544 -9.30 18.40 -49.89
N ILE B 545 -9.57 17.48 -50.81
CA ILE B 545 -10.51 17.70 -51.92
C ILE B 545 -11.91 17.95 -51.37
N MET B 546 -12.31 17.18 -50.36
CA MET B 546 -13.62 17.37 -49.74
C MET B 546 -13.77 18.76 -49.15
N VAL B 547 -12.75 19.20 -48.40
CA VAL B 547 -12.80 20.51 -47.75
C VAL B 547 -12.85 21.62 -48.80
N VAL B 548 -12.02 21.52 -49.83
CA VAL B 548 -11.98 22.57 -50.85
C VAL B 548 -13.29 22.61 -51.63
N ALA B 549 -13.91 21.43 -51.80
CA ALA B 549 -15.16 21.32 -52.58
C ALA B 549 -16.31 21.96 -51.81
N GLU B 550 -16.30 21.89 -50.48
CA GLU B 550 -17.40 22.45 -49.65
C GLU B 550 -17.14 23.94 -49.42
N LEU B 551 -15.88 24.37 -49.54
CA LEU B 551 -15.50 25.78 -49.32
C LEU B 551 -15.73 26.57 -50.60
N LEU B 552 -15.51 25.99 -51.79
CA LEU B 552 -15.85 26.66 -53.05
C LEU B 552 -17.35 26.62 -53.32
N LEU B 553 -18.03 25.54 -52.91
CA LEU B 553 -19.49 25.50 -52.99
C LEU B 553 -20.10 26.64 -52.21
N LEU B 554 -19.54 26.95 -51.03
CA LEU B 554 -20.08 28.01 -50.15
C LEU B 554 -19.64 29.38 -50.68
N CYS B 555 -18.51 29.48 -51.37
CA CYS B 555 -18.06 30.74 -51.98
C CYS B 555 -18.94 31.14 -53.16
N TRP B 556 -19.43 30.16 -53.91
CA TRP B 556 -20.41 30.47 -54.96
C TRP B 556 -21.64 31.13 -54.34
N GLY B 557 -22.12 30.62 -53.20
CA GLY B 557 -23.21 31.26 -52.51
C GLY B 557 -22.87 32.64 -51.98
N SER B 558 -21.62 32.85 -51.59
CA SER B 558 -21.21 34.18 -51.16
C SER B 558 -21.28 35.17 -52.31
N PHE B 559 -20.88 34.74 -53.51
CA PHE B 559 -21.05 35.57 -54.69
C PHE B 559 -22.52 35.85 -54.96
N LEU B 560 -23.36 34.83 -54.78
CA LEU B 560 -24.81 35.03 -54.91
C LEU B 560 -25.32 36.05 -53.91
N CYS B 561 -24.77 36.03 -52.68
CA CYS B 561 -25.18 36.98 -51.65
C CYS B 561 -24.81 38.41 -52.05
N TYR B 562 -23.56 38.62 -52.45
CA TYR B 562 -23.10 39.96 -52.77
C TYR B 562 -23.56 40.44 -54.14
N ALA B 563 -24.20 39.59 -54.95
CA ALA B 563 -24.72 40.06 -56.23
C ALA B 563 -25.79 41.13 -56.04
N THR B 564 -26.77 40.88 -55.17
CA THR B 564 -27.87 41.83 -54.96
C THR B 564 -27.56 42.84 -53.86
N ARG B 565 -26.86 42.40 -52.80
CA ARG B 565 -26.44 43.19 -51.62
C ARG B 565 -27.37 44.33 -51.20
N PHE B 571 -36.89 41.72 -42.45
CA PHE B 571 -36.82 42.04 -43.88
C PHE B 571 -37.39 40.90 -44.71
N HIS B 572 -36.50 40.15 -45.38
CA HIS B 572 -36.90 39.04 -46.23
C HIS B 572 -35.94 37.88 -46.00
N GLU B 573 -36.11 36.85 -46.83
CA GLU B 573 -35.35 35.60 -46.69
C GLU B 573 -33.84 35.79 -46.84
N PRO B 574 -33.34 36.34 -47.96
CA PRO B 574 -31.89 36.37 -48.17
C PRO B 574 -31.12 37.19 -47.14
N ARG B 575 -31.76 38.20 -46.53
CA ARG B 575 -31.04 39.07 -45.60
C ARG B 575 -30.53 38.32 -44.39
N TYR B 576 -31.36 37.44 -43.81
CA TYR B 576 -30.91 36.63 -42.69
C TYR B 576 -29.81 35.66 -43.12
N MET B 577 -29.95 35.09 -44.33
CA MET B 577 -29.05 34.03 -44.77
C MET B 577 -27.65 34.58 -45.05
N GLY B 578 -27.57 35.84 -45.47
CA GLY B 578 -26.28 36.41 -45.82
C GLY B 578 -25.30 36.44 -44.66
N ILE B 579 -25.76 36.87 -43.49
CA ILE B 579 -24.88 36.92 -42.32
C ILE B 579 -24.43 35.51 -41.95
N ALA B 580 -25.35 34.56 -41.97
CA ALA B 580 -25.02 33.19 -41.61
C ALA B 580 -23.96 32.60 -42.52
N LEU B 581 -24.09 32.79 -43.83
CA LEU B 581 -23.16 32.15 -44.75
C LEU B 581 -21.74 32.71 -44.60
N HIS B 582 -21.61 34.03 -44.51
CA HIS B 582 -20.29 34.64 -44.37
C HIS B 582 -19.65 34.27 -43.03
N ASN B 583 -20.42 34.36 -41.94
CA ASN B 583 -19.88 34.04 -40.63
C ASN B 583 -19.43 32.58 -40.57
N GLU B 584 -20.21 31.68 -41.17
CA GLU B 584 -19.87 30.27 -41.10
C GLU B 584 -18.70 29.95 -42.04
N LEU B 585 -18.53 30.64 -43.14
CA LEU B 585 -17.25 30.56 -43.87
C LEU B 585 -16.06 30.91 -43.01
N LEU B 586 -16.14 32.06 -42.32
CA LEU B 586 -14.99 32.46 -41.52
C LEU B 586 -14.71 31.43 -40.44
N LEU B 587 -15.76 30.95 -39.78
CA LEU B 587 -15.59 29.98 -38.70
C LEU B 587 -15.05 28.65 -39.23
N SER B 588 -15.59 28.16 -40.35
CA SER B 588 -15.15 26.88 -40.88
C SER B 588 -13.72 26.95 -41.41
N ALA B 589 -13.35 28.07 -42.06
CA ALA B 589 -12.00 28.23 -42.55
C ALA B 589 -11.01 28.24 -41.40
N ALA B 590 -11.30 29.00 -40.35
CA ALA B 590 -10.42 29.00 -39.19
C ALA B 590 -10.38 27.62 -38.53
N PHE B 591 -11.52 26.94 -38.48
CA PHE B 591 -11.61 25.63 -37.84
C PHE B 591 -10.73 24.62 -38.56
N HIS B 592 -10.83 24.56 -39.89
CA HIS B 592 -10.01 23.60 -40.63
C HIS B 592 -8.54 23.98 -40.62
N THR B 593 -8.25 25.28 -40.73
CA THR B 593 -6.86 25.73 -40.69
C THR B 593 -6.21 25.38 -39.37
N ALA B 594 -6.97 25.46 -38.28
CA ALA B 594 -6.46 24.98 -37.00
C ALA B 594 -6.35 23.46 -36.98
N ARG B 595 -7.46 22.79 -37.29
CA ARG B 595 -7.56 21.31 -37.16
C ARG B 595 -6.47 20.56 -37.93
N PHE B 596 -6.13 20.94 -39.17
CA PHE B 596 -5.24 20.11 -39.95
C PHE B 596 -3.78 20.18 -39.50
N VAL B 597 -3.44 21.04 -38.53
CA VAL B 597 -2.06 21.17 -38.04
C VAL B 597 -1.96 21.14 -36.51
N LEU B 598 -3.08 21.25 -35.80
CA LEU B 598 -3.10 21.17 -34.34
C LEU B 598 -3.41 19.77 -33.82
N VAL B 599 -4.54 19.20 -34.23
CA VAL B 599 -5.12 18.03 -33.55
C VAL B 599 -4.22 16.79 -33.59
N PRO B 600 -3.23 16.65 -34.50
CA PRO B 600 -2.22 15.61 -34.26
C PRO B 600 -1.53 15.70 -32.91
N SER B 601 -1.34 16.91 -32.37
CA SER B 601 -0.60 17.14 -31.13
C SER B 601 -1.48 17.54 -29.96
N LEU B 602 -2.80 17.45 -30.08
CA LEU B 602 -3.74 17.97 -29.09
C LEU B 602 -4.40 16.83 -28.32
N HIS B 603 -4.85 17.17 -27.11
CA HIS B 603 -5.50 16.20 -26.24
C HIS B 603 -6.82 15.75 -26.87
N PRO B 604 -7.24 14.48 -26.66
CA PRO B 604 -8.57 14.08 -27.16
C PRO B 604 -9.72 14.87 -26.55
N ASP B 605 -9.65 15.17 -25.25
CA ASP B 605 -10.72 15.95 -24.63
C ASP B 605 -10.78 17.36 -25.20
N TRP B 606 -9.61 17.97 -25.44
CA TRP B 606 -9.57 19.33 -25.94
C TRP B 606 -10.15 19.41 -27.35
N THR B 607 -9.84 18.44 -28.21
CA THR B 607 -10.39 18.47 -29.56
C THR B 607 -11.87 18.10 -29.56
N LEU B 608 -12.30 17.24 -28.64
CA LEU B 608 -13.74 17.00 -28.50
C LEU B 608 -14.47 18.29 -28.13
N LEU B 609 -13.90 19.06 -27.20
CA LEU B 609 -14.49 20.33 -26.82
C LEU B 609 -14.49 21.32 -27.99
N LEU B 610 -13.40 21.32 -28.77
CA LEU B 610 -13.32 22.17 -29.96
C LEU B 610 -14.42 21.82 -30.95
N PHE B 611 -14.59 20.53 -31.24
CA PHE B 611 -15.64 20.09 -32.15
C PHE B 611 -17.00 20.47 -31.63
N PHE B 612 -17.21 20.30 -30.32
CA PHE B 612 -18.51 20.63 -29.73
C PHE B 612 -18.82 22.11 -29.87
N PHE B 613 -17.87 22.98 -29.52
CA PHE B 613 -18.14 24.41 -29.62
C PHE B 613 -18.36 24.82 -31.07
N HIS B 614 -17.56 24.27 -31.99
CA HIS B 614 -17.70 24.62 -33.40
C HIS B 614 -19.06 24.21 -33.94
N THR B 615 -19.45 22.94 -33.73
CA THR B 615 -20.70 22.48 -34.31
C THR B 615 -21.89 23.16 -33.64
N HIS B 616 -21.84 23.37 -32.32
CA HIS B 616 -22.93 24.05 -31.63
C HIS B 616 -23.10 25.46 -32.18
N SER B 617 -21.99 26.22 -32.27
CA SER B 617 -22.07 27.59 -32.75
C SER B 617 -22.62 27.65 -34.18
N THR B 618 -22.02 26.90 -35.10
CA THR B 618 -22.41 27.03 -36.50
C THR B 618 -23.83 26.51 -36.74
N VAL B 619 -24.16 25.33 -36.23
CA VAL B 619 -25.45 24.74 -36.54
C VAL B 619 -26.56 25.46 -35.80
N THR B 620 -26.34 25.83 -34.54
CA THR B 620 -27.35 26.59 -33.81
C THR B 620 -27.58 27.96 -34.43
N THR B 621 -26.51 28.62 -34.89
CA THR B 621 -26.68 29.90 -35.55
C THR B 621 -27.48 29.75 -36.83
N THR B 622 -27.16 28.73 -37.63
CA THR B 622 -27.90 28.51 -38.87
C THR B 622 -29.38 28.20 -38.58
N LEU B 623 -29.64 27.33 -37.60
CA LEU B 623 -31.00 26.97 -37.25
C LEU B 623 -31.79 28.17 -36.77
N ALA B 624 -31.19 28.99 -35.90
CA ALA B 624 -31.87 30.17 -35.40
C ALA B 624 -32.17 31.14 -36.53
N LEU B 625 -31.17 31.47 -37.34
CA LEU B 625 -31.36 32.49 -38.36
C LEU B 625 -32.18 32.01 -39.55
N ILE B 626 -32.46 30.72 -39.68
CA ILE B 626 -33.39 30.22 -40.70
C ILE B 626 -34.81 30.06 -40.17
N PHE B 627 -34.99 29.56 -38.94
CA PHE B 627 -36.33 29.29 -38.41
C PHE B 627 -36.90 30.42 -37.55
N ILE B 628 -36.15 31.49 -37.27
CA ILE B 628 -36.75 32.64 -36.59
C ILE B 628 -37.81 33.31 -37.45
N PRO B 629 -37.59 33.60 -38.74
CA PRO B 629 -38.67 34.20 -39.53
C PRO B 629 -39.92 33.35 -39.66
N LYS B 630 -39.82 32.05 -39.39
CA LYS B 630 -40.97 31.12 -39.51
C LYS B 630 -41.88 31.30 -38.29
N PHE B 631 -41.34 31.75 -37.14
CA PHE B 631 -42.10 31.85 -35.90
C PHE B 631 -42.82 33.19 -35.77
N TRP B 632 -42.49 34.17 -36.61
CA TRP B 632 -43.05 35.51 -36.51
C TRP B 632 -43.21 36.10 -37.89
N LYS B 633 -44.44 36.47 -38.24
CA LYS B 633 -44.76 36.97 -39.57
C LYS B 633 -46.14 37.59 -39.61
#